data_5RAX
#
_entry.id   5RAX
#
_cell.length_a   57.550
_cell.length_b   93.730
_cell.length_c   93.645
_cell.angle_alpha   90.000
_cell.angle_beta   108.100
_cell.angle_gamma   90.000
#
_symmetry.space_group_name_H-M   'P 1 21 1'
#
loop_
_entity.id
_entity.type
_entity.pdbx_description
1 polymer 'Lysine-specific demethylase 3B'
2 non-polymer 'CHLORIDE ION'
3 non-polymer 'MANGANESE (II) ION'
4 non-polymer 2-(2-methoxyphenoxy)ethanehydrazide
5 water water
#
_entity_poly.entity_id   1
_entity_poly.type   'polypeptide(L)'
_entity_poly.pdbx_seq_one_letter_code
;MHHHHHHSSGVDLGTENLYFQSMTSHSWLCDGRLLCLHDPSNKNNWKIFRECWKQGQPVLVSGVHKKLKSELWKPEAFSQ
EFGDQDVDLVNCRNCAIISDVKVRDFWDGFEIICKRLRSEDGQPMVLKLKDWPPGEDFRDMMPTRFEDLMENLPLPEYTK
RDGRLNLASRLPSYFVRPDLGPKMYNAYGLITAEDRRVGTTNLHLDVSDAVNVMVYVGIPIGEGAHDEEVLKTIDEGDAD
EVTKERIHDHKEKPGALWHIYAAKDAEKIRELLRKVGEEQGQENPPDHDPIHDQSWYLDQTLRKRLYEEYGVQGWAIVQF
LGDAVFIPAGAPHQVHNLYSCIKVAEDFVSPEHVKHCFRLTQEFRHLSNTHT
;
_entity_poly.pdbx_strand_id   A,B
#
# COMPACT_ATOMS: atom_id res chain seq x y z
N SER A 22 12.12 -49.53 -7.17
CA SER A 22 12.59 -48.89 -8.44
C SER A 22 12.35 -47.37 -8.42
N MET A 23 13.36 -46.60 -8.88
N MET A 23 13.33 -46.57 -8.91
CA MET A 23 13.25 -45.15 -9.21
CA MET A 23 13.22 -45.08 -9.01
C MET A 23 12.03 -44.98 -10.12
C MET A 23 12.25 -44.71 -10.14
N THR A 24 11.14 -44.04 -9.80
CA THR A 24 10.03 -43.65 -10.70
C THR A 24 10.01 -42.12 -10.92
N SER A 25 9.48 -41.69 -12.07
CA SER A 25 9.30 -40.28 -12.48
C SER A 25 8.39 -39.54 -11.44
N HIS A 26 7.37 -40.19 -10.90
CA HIS A 26 6.34 -39.49 -10.09
C HIS A 26 5.44 -40.48 -9.37
N SER A 27 4.64 -39.96 -8.44
CA SER A 27 3.59 -40.68 -7.67
C SER A 27 2.46 -39.70 -7.36
N TRP A 28 1.40 -40.17 -6.69
CA TRP A 28 0.23 -39.32 -6.33
C TRP A 28 0.11 -39.29 -4.79
N LEU A 29 -0.34 -38.14 -4.25
CA LEU A 29 -0.80 -38.05 -2.87
C LEU A 29 -2.22 -37.48 -2.88
N CYS A 30 -2.78 -37.23 -1.70
CA CYS A 30 -4.15 -36.70 -1.58
C CYS A 30 -5.10 -37.55 -2.44
N ASP A 31 -4.99 -38.86 -2.33
CA ASP A 31 -5.83 -39.88 -3.04
C ASP A 31 -5.87 -39.59 -4.55
N GLY A 32 -4.74 -39.20 -5.15
CA GLY A 32 -4.66 -38.92 -6.60
C GLY A 32 -4.87 -37.48 -6.98
N ARG A 33 -5.15 -36.58 -6.03
CA ARG A 33 -5.42 -35.15 -6.34
C ARG A 33 -4.10 -34.35 -6.36
N LEU A 34 -2.94 -34.93 -5.99
CA LEU A 34 -1.66 -34.16 -5.87
C LEU A 34 -0.52 -34.86 -6.62
N LEU A 35 0.00 -34.25 -7.68
CA LEU A 35 1.23 -34.75 -8.33
C LEU A 35 2.45 -34.65 -7.41
N CYS A 36 3.23 -35.73 -7.26
N CYS A 36 3.28 -35.70 -7.36
CA CYS A 36 4.56 -35.72 -6.59
CA CYS A 36 4.55 -35.72 -6.61
C CYS A 36 5.63 -36.14 -7.60
C CYS A 36 5.69 -36.16 -7.54
N LEU A 37 6.44 -35.20 -8.07
CA LEU A 37 7.63 -35.47 -8.94
C LEU A 37 8.83 -35.92 -8.07
N HIS A 38 9.66 -36.88 -8.55
CA HIS A 38 10.72 -37.56 -7.72
C HIS A 38 12.14 -37.08 -8.04
N ASP A 39 12.35 -36.47 -9.18
CA ASP A 39 13.68 -36.02 -9.67
C ASP A 39 13.59 -34.53 -9.98
N PRO A 40 14.15 -33.65 -9.11
CA PRO A 40 13.96 -32.22 -9.29
C PRO A 40 14.63 -31.64 -10.55
N SER A 41 15.55 -32.36 -11.17
CA SER A 41 16.40 -31.86 -12.30
C SER A 41 16.06 -32.57 -13.62
N ASN A 42 14.99 -33.38 -13.64
CA ASN A 42 14.52 -34.11 -14.83
C ASN A 42 14.01 -33.11 -15.88
N LYS A 43 14.64 -33.09 -17.05
CA LYS A 43 14.31 -32.15 -18.16
C LYS A 43 12.90 -32.43 -18.71
N ASN A 44 12.20 -33.53 -18.34
CA ASN A 44 10.82 -33.90 -18.83
C ASN A 44 9.72 -33.63 -17.78
N ASN A 45 10.05 -33.08 -16.62
CA ASN A 45 9.02 -32.80 -15.58
C ASN A 45 7.89 -31.93 -16.17
N TRP A 46 8.24 -30.98 -17.04
CA TRP A 46 7.26 -30.00 -17.59
C TRP A 46 6.03 -30.68 -18.21
N LYS A 47 6.15 -31.86 -18.82
CA LYS A 47 5.06 -32.52 -19.58
C LYS A 47 3.93 -33.02 -18.65
N ILE A 48 4.28 -33.55 -17.46
CA ILE A 48 3.35 -33.99 -16.36
C ILE A 48 2.84 -32.77 -15.57
N PHE A 49 3.72 -31.82 -15.31
CA PHE A 49 3.45 -30.68 -14.40
C PHE A 49 2.36 -29.80 -14.97
N ARG A 50 2.50 -29.44 -16.25
N ARG A 50 2.49 -29.44 -16.25
CA ARG A 50 1.69 -28.38 -16.92
CA ARG A 50 1.69 -28.38 -16.92
C ARG A 50 0.21 -28.78 -16.97
C ARG A 50 0.19 -28.78 -16.99
N GLU A 51 -0.11 -30.07 -17.15
CA GLU A 51 -1.51 -30.56 -17.16
C GLU A 51 -2.18 -30.38 -15.77
N CYS A 52 -1.50 -30.69 -14.67
CA CYS A 52 -1.99 -30.48 -13.28
C CYS A 52 -2.03 -28.97 -12.95
N TRP A 53 -1.04 -28.23 -13.37
CA TRP A 53 -0.91 -26.79 -13.05
C TRP A 53 -2.04 -25.97 -13.72
N LYS A 54 -2.38 -26.30 -14.97
CA LYS A 54 -3.44 -25.58 -15.74
C LYS A 54 -4.81 -25.79 -15.05
N GLN A 55 -5.01 -26.86 -14.28
CA GLN A 55 -6.28 -27.11 -13.55
C GLN A 55 -6.30 -26.40 -12.20
N GLY A 56 -5.24 -25.67 -11.84
CA GLY A 56 -5.22 -24.90 -10.58
C GLY A 56 -4.83 -25.74 -9.38
N GLN A 57 -4.22 -26.92 -9.61
CA GLN A 57 -3.74 -27.75 -8.47
C GLN A 57 -2.35 -27.30 -8.01
N PRO A 58 -2.04 -27.40 -6.71
CA PRO A 58 -0.65 -27.33 -6.27
C PRO A 58 0.04 -28.62 -6.70
N VAL A 59 1.37 -28.61 -6.60
CA VAL A 59 2.28 -29.73 -7.00
C VAL A 59 3.40 -29.82 -5.95
N LEU A 60 3.87 -31.05 -5.65
CA LEU A 60 5.02 -31.33 -4.73
C LEU A 60 6.22 -31.88 -5.52
N VAL A 61 7.44 -31.36 -5.29
CA VAL A 61 8.66 -31.98 -5.89
C VAL A 61 9.63 -32.37 -4.76
N SER A 62 9.98 -33.65 -4.66
CA SER A 62 10.83 -34.11 -3.53
C SER A 62 12.30 -34.18 -3.99
N GLY A 63 13.25 -34.17 -3.05
CA GLY A 63 14.66 -34.47 -3.27
C GLY A 63 15.53 -33.27 -3.54
N VAL A 64 15.03 -32.03 -3.37
CA VAL A 64 15.83 -30.80 -3.67
C VAL A 64 17.04 -30.65 -2.69
N HIS A 65 16.93 -31.16 -1.46
CA HIS A 65 18.01 -31.12 -0.43
C HIS A 65 19.26 -31.83 -0.95
N LYS A 66 19.09 -32.93 -1.68
CA LYS A 66 20.23 -33.68 -2.26
C LYS A 66 20.99 -32.88 -3.34
N LYS A 67 20.47 -31.75 -3.86
CA LYS A 67 21.15 -30.90 -4.88
C LYS A 67 21.91 -29.73 -4.24
N LEU A 68 21.66 -29.47 -2.95
CA LEU A 68 22.12 -28.24 -2.24
C LEU A 68 23.41 -28.55 -1.48
N LYS A 69 24.18 -27.51 -1.13
CA LYS A 69 25.39 -27.59 -0.26
C LYS A 69 24.88 -27.48 1.20
N SER A 70 24.74 -28.61 1.90
CA SER A 70 23.98 -28.68 3.18
C SER A 70 24.61 -27.80 4.27
N GLU A 71 25.91 -27.48 4.18
CA GLU A 71 26.63 -26.64 5.17
C GLU A 71 26.14 -25.20 5.10
N LEU A 72 25.57 -24.76 3.95
CA LEU A 72 25.07 -23.38 3.75
C LEU A 72 23.73 -23.15 4.44
N TRP A 73 23.05 -24.21 4.90
CA TRP A 73 21.63 -24.10 5.34
C TRP A 73 21.44 -24.53 6.82
N LYS A 74 22.49 -24.50 7.63
CA LYS A 74 22.42 -24.86 9.08
C LYS A 74 22.14 -23.64 9.93
N PRO A 75 21.32 -23.75 10.99
CA PRO A 75 21.10 -22.62 11.90
C PRO A 75 22.37 -22.04 12.60
N GLU A 76 23.30 -22.89 13.02
CA GLU A 76 24.60 -22.48 13.65
C GLU A 76 25.37 -21.51 12.72
N ALA A 77 25.35 -21.70 11.40
CA ALA A 77 26.06 -20.83 10.44
C ALA A 77 25.35 -19.47 10.30
N PHE A 78 24.01 -19.45 10.37
CA PHE A 78 23.22 -18.20 10.33
C PHE A 78 23.54 -17.39 11.61
N SER A 79 23.66 -18.04 12.73
CA SER A 79 23.98 -17.36 14.02
C SER A 79 25.40 -16.77 13.97
N GLN A 80 26.39 -17.56 13.54
CA GLN A 80 27.82 -17.13 13.47
C GLN A 80 27.95 -15.92 12.54
N GLU A 81 27.27 -15.90 11.39
CA GLU A 81 27.62 -14.94 10.32
C GLU A 81 26.80 -13.66 10.46
N PHE A 82 25.59 -13.73 11.04
CA PHE A 82 24.60 -12.62 11.00
C PHE A 82 24.07 -12.31 12.39
N GLY A 83 24.59 -12.98 13.42
CA GLY A 83 23.96 -12.97 14.76
C GLY A 83 23.81 -11.58 15.36
N ASP A 84 24.63 -10.60 14.94
CA ASP A 84 24.65 -9.24 15.53
C ASP A 84 23.54 -8.32 14.95
N GLN A 85 22.83 -8.71 13.88
CA GLN A 85 21.76 -7.86 13.26
C GLN A 85 20.55 -7.75 14.17
N ASP A 86 19.86 -6.60 14.21
CA ASP A 86 18.62 -6.40 15.00
C ASP A 86 17.37 -6.79 14.18
N VAL A 87 16.31 -7.28 14.85
CA VAL A 87 15.15 -7.97 14.21
C VAL A 87 14.02 -7.95 15.22
N ASP A 88 12.79 -8.17 14.75
CA ASP A 88 11.62 -8.48 15.60
C ASP A 88 11.23 -9.94 15.37
N LEU A 89 10.60 -10.53 16.38
CA LEU A 89 10.11 -11.91 16.37
C LEU A 89 8.61 -11.82 16.63
N VAL A 90 7.88 -12.90 16.35
CA VAL A 90 6.44 -12.98 16.76
C VAL A 90 6.29 -14.18 17.68
N ASN A 91 5.51 -14.04 18.74
CA ASN A 91 5.11 -15.20 19.59
C ASN A 91 3.90 -15.87 18.91
N CYS A 92 4.08 -17.09 18.37
CA CYS A 92 3.09 -17.72 17.47
C CYS A 92 1.80 -18.04 18.22
N ARG A 93 1.86 -18.26 19.54
CA ARG A 93 0.70 -18.69 20.38
C ARG A 93 -0.31 -17.54 20.55
N ASN A 94 0.12 -16.27 20.51
CA ASN A 94 -0.76 -15.13 20.88
C ASN A 94 -0.57 -13.93 19.94
N CYS A 95 0.33 -13.98 18.96
CA CYS A 95 0.62 -12.87 18.00
C CYS A 95 1.40 -11.68 18.59
N ALA A 96 1.89 -11.75 19.82
CA ALA A 96 2.69 -10.67 20.40
C ALA A 96 3.98 -10.47 19.59
N ILE A 97 4.37 -9.22 19.37
CA ILE A 97 5.66 -8.85 18.73
C ILE A 97 6.74 -8.66 19.81
N ILE A 98 7.94 -9.17 19.56
CA ILE A 98 9.11 -9.03 20.45
C ILE A 98 10.10 -8.17 19.65
N SER A 99 10.23 -6.91 20.05
CA SER A 99 10.91 -5.83 19.29
C SER A 99 12.41 -5.77 19.54
N ASP A 100 13.14 -5.57 18.47
CA ASP A 100 14.50 -5.01 18.47
C ASP A 100 15.33 -5.91 19.39
N VAL A 101 15.36 -7.21 19.08
CA VAL A 101 16.32 -8.17 19.69
C VAL A 101 17.37 -8.51 18.63
N LYS A 102 18.39 -9.28 19.01
CA LYS A 102 19.49 -9.74 18.14
C LYS A 102 19.09 -11.05 17.45
N VAL A 103 19.46 -11.20 16.19
CA VAL A 103 19.07 -12.39 15.41
C VAL A 103 19.64 -13.67 16.07
N ARG A 104 20.79 -13.63 16.76
CA ARG A 104 21.27 -14.83 17.51
C ARG A 104 20.29 -15.28 18.60
N ASP A 105 19.50 -14.38 19.21
CA ASP A 105 18.52 -14.75 20.27
C ASP A 105 17.48 -15.76 19.71
N PHE A 106 17.08 -15.60 18.43
CA PHE A 106 16.25 -16.59 17.69
C PHE A 106 17.08 -17.85 17.40
N TRP A 107 18.22 -17.76 16.68
CA TRP A 107 18.89 -18.99 16.13
C TRP A 107 19.42 -19.90 17.24
N ASP A 108 19.84 -19.38 18.39
CA ASP A 108 20.59 -20.22 19.36
C ASP A 108 19.59 -21.11 20.13
N GLY A 109 18.30 -20.76 20.11
CA GLY A 109 17.20 -21.61 20.67
C GLY A 109 16.45 -22.43 19.60
N PHE A 110 16.95 -22.54 18.36
CA PHE A 110 16.22 -23.17 17.22
C PHE A 110 15.92 -24.65 17.51
N GLU A 111 16.93 -25.37 18.02
CA GLU A 111 16.90 -26.83 18.36
C GLU A 111 17.07 -27.08 19.85
N ILE A 112 17.69 -26.19 20.62
CA ILE A 112 17.95 -26.40 22.08
C ILE A 112 16.90 -25.65 22.89
N ILE A 113 15.95 -26.37 23.47
CA ILE A 113 14.74 -25.70 24.02
C ILE A 113 15.10 -24.80 25.20
N CYS A 114 16.01 -25.23 26.10
CA CYS A 114 16.30 -24.49 27.37
C CYS A 114 16.87 -23.10 27.01
N LYS A 115 17.45 -22.92 25.80
CA LYS A 115 18.03 -21.62 25.35
C LYS A 115 17.00 -20.67 24.75
N ARG A 116 15.71 -21.01 24.71
CA ARG A 116 14.67 -20.16 24.10
C ARG A 116 14.26 -19.04 25.04
N LEU A 117 13.91 -17.86 24.50
CA LEU A 117 13.25 -16.81 25.32
C LEU A 117 11.97 -17.39 25.94
N ARG A 118 11.59 -16.87 27.11
CA ARG A 118 10.46 -17.36 27.94
C ARG A 118 9.36 -16.31 28.00
N SER A 119 8.10 -16.75 27.98
CA SER A 119 6.92 -15.92 28.31
C SER A 119 6.80 -15.76 29.84
N GLU A 120 5.97 -14.82 30.33
CA GLU A 120 5.74 -14.56 31.80
C GLU A 120 5.41 -15.88 32.49
N ASP A 121 4.65 -16.77 31.86
CA ASP A 121 4.29 -18.08 32.48
C ASP A 121 5.56 -18.92 32.70
N GLY A 122 6.73 -18.48 32.21
CA GLY A 122 8.02 -19.20 32.27
C GLY A 122 8.13 -20.39 31.34
N GLN A 123 7.26 -20.49 30.32
CA GLN A 123 7.40 -21.54 29.27
C GLN A 123 8.36 -21.02 28.19
N PRO A 124 9.13 -21.90 27.54
CA PRO A 124 9.82 -21.51 26.31
C PRO A 124 8.81 -21.21 25.19
N MET A 125 8.95 -20.03 24.56
CA MET A 125 8.06 -19.53 23.50
C MET A 125 8.28 -20.29 22.18
N VAL A 126 7.22 -20.41 21.40
CA VAL A 126 7.29 -20.84 19.98
C VAL A 126 7.38 -19.56 19.19
N LEU A 127 8.49 -19.33 18.50
CA LEU A 127 8.78 -18.04 17.83
C LEU A 127 8.94 -18.21 16.32
N LYS A 128 8.64 -17.14 15.59
CA LYS A 128 8.89 -16.92 14.15
C LYS A 128 9.78 -15.66 14.02
N LEU A 129 10.83 -15.73 13.20
CA LEU A 129 11.68 -14.58 12.85
C LEU A 129 10.98 -13.83 11.71
N LYS A 130 10.55 -12.58 11.98
CA LYS A 130 9.83 -11.71 11.02
C LYS A 130 10.78 -11.03 10.02
N ASP A 131 10.46 -11.09 8.72
CA ASP A 131 11.05 -10.28 7.62
C ASP A 131 12.59 -10.34 7.70
N TRP A 132 13.20 -11.51 7.53
CA TRP A 132 14.67 -11.67 7.60
C TRP A 132 15.16 -12.72 6.61
N PRO A 133 16.15 -12.43 5.74
CA PRO A 133 16.62 -11.06 5.49
C PRO A 133 15.51 -10.11 5.05
N PRO A 134 15.67 -8.81 5.37
CA PRO A 134 14.57 -7.86 5.18
C PRO A 134 14.38 -7.45 3.71
N GLY A 135 13.11 -7.22 3.35
CA GLY A 135 12.69 -6.74 2.01
C GLY A 135 13.21 -7.65 0.92
N GLU A 136 14.02 -7.08 0.01
CA GLU A 136 14.59 -7.76 -1.17
C GLU A 136 16.09 -7.94 -0.96
N ASP A 137 16.59 -7.96 0.27
CA ASP A 137 18.05 -7.93 0.53
C ASP A 137 18.65 -9.34 0.50
N PHE A 138 17.89 -10.40 0.21
CA PHE A 138 18.43 -11.79 0.34
C PHE A 138 19.71 -11.88 -0.48
N ARG A 139 19.67 -11.43 -1.74
CA ARG A 139 20.79 -11.62 -2.70
C ARG A 139 22.03 -10.86 -2.21
N ASP A 140 21.85 -9.64 -1.73
CA ASP A 140 22.96 -8.76 -1.27
C ASP A 140 23.61 -9.38 -0.03
N MET A 141 22.81 -9.84 0.94
CA MET A 141 23.33 -10.31 2.23
C MET A 141 23.95 -11.70 2.07
N MET A 142 23.40 -12.55 1.19
CA MET A 142 23.73 -14.00 1.16
C MET A 142 23.99 -14.49 -0.27
N PRO A 143 24.93 -13.87 -1.02
CA PRO A 143 25.14 -14.19 -2.44
C PRO A 143 25.39 -15.66 -2.80
N THR A 144 26.15 -16.38 -1.96
CA THR A 144 26.44 -17.83 -2.15
C THR A 144 25.18 -18.69 -1.96
N ARG A 145 24.36 -18.43 -0.94
CA ARG A 145 23.06 -19.13 -0.68
C ARG A 145 22.09 -18.90 -1.87
N PHE A 146 22.03 -17.67 -2.38
CA PHE A 146 21.21 -17.27 -3.53
C PHE A 146 21.59 -18.12 -4.74
N GLU A 147 22.88 -18.15 -5.09
CA GLU A 147 23.39 -19.02 -6.18
C GLU A 147 22.91 -20.46 -5.94
N ASP A 148 23.19 -21.05 -4.78
CA ASP A 148 22.90 -22.48 -4.49
C ASP A 148 21.40 -22.77 -4.72
N LEU A 149 20.52 -21.91 -4.21
CA LEU A 149 19.06 -22.11 -4.32
C LEU A 149 18.62 -21.94 -5.79
N MET A 150 18.85 -20.78 -6.39
CA MET A 150 18.30 -20.43 -7.73
C MET A 150 18.78 -21.44 -8.80
N GLU A 151 19.99 -21.98 -8.67
CA GLU A 151 20.58 -22.94 -9.65
C GLU A 151 19.96 -24.33 -9.52
N ASN A 152 19.22 -24.60 -8.44
CA ASN A 152 18.68 -25.95 -8.17
C ASN A 152 17.14 -25.91 -7.98
N LEU A 153 16.49 -24.81 -8.30
CA LEU A 153 15.00 -24.82 -8.29
C LEU A 153 14.49 -25.81 -9.34
N PRO A 154 13.47 -26.62 -9.02
CA PRO A 154 12.75 -27.41 -10.02
C PRO A 154 11.95 -26.55 -11.02
N LEU A 155 11.55 -27.14 -12.15
CA LEU A 155 10.75 -26.49 -13.23
C LEU A 155 11.36 -25.12 -13.53
N PRO A 156 12.66 -25.07 -13.89
CA PRO A 156 13.38 -23.80 -14.03
C PRO A 156 12.84 -22.83 -15.10
N GLU A 157 12.10 -23.28 -16.13
CA GLU A 157 11.51 -22.33 -17.13
C GLU A 157 10.39 -21.52 -16.52
N TYR A 158 9.74 -22.05 -15.49
CA TYR A 158 8.74 -21.35 -14.66
C TYR A 158 9.40 -20.54 -13.54
N THR A 159 10.41 -21.08 -12.85
CA THR A 159 10.81 -20.54 -11.51
C THR A 159 12.02 -19.57 -11.55
N LYS A 160 12.89 -19.61 -12.54
CA LYS A 160 14.07 -18.71 -12.61
C LYS A 160 13.62 -17.32 -13.06
N ARG A 161 14.31 -16.26 -12.62
CA ARG A 161 13.96 -14.84 -12.89
C ARG A 161 13.74 -14.63 -14.39
N ASP A 162 14.57 -15.23 -15.24
CA ASP A 162 14.57 -15.04 -16.71
C ASP A 162 14.06 -16.29 -17.48
N GLY A 163 13.44 -17.28 -16.80
CA GLY A 163 12.84 -18.46 -17.45
C GLY A 163 11.85 -18.08 -18.53
N ARG A 164 11.77 -18.87 -19.60
CA ARG A 164 10.91 -18.57 -20.79
C ARG A 164 9.41 -18.60 -20.42
N LEU A 165 8.99 -19.23 -19.33
CA LEU A 165 7.57 -19.28 -18.95
C LEU A 165 7.33 -18.51 -17.65
N ASN A 166 8.27 -17.62 -17.29
CA ASN A 166 8.06 -16.66 -16.17
C ASN A 166 7.83 -15.27 -16.79
N LEU A 167 6.63 -14.76 -16.68
CA LEU A 167 6.27 -13.44 -17.25
C LEU A 167 6.58 -12.29 -16.24
N ALA A 168 7.25 -12.52 -15.10
CA ALA A 168 7.41 -11.48 -14.04
C ALA A 168 8.04 -10.25 -14.67
N SER A 169 9.10 -10.42 -15.48
CA SER A 169 9.93 -9.32 -16.04
C SER A 169 9.42 -8.82 -17.38
N ARG A 170 8.24 -9.25 -17.84
CA ARG A 170 7.77 -8.99 -19.21
C ARG A 170 6.41 -8.26 -19.20
N LEU A 171 5.79 -8.02 -18.05
CA LEU A 171 4.39 -7.50 -18.00
C LEU A 171 4.38 -5.98 -17.81
N PRO A 172 3.46 -5.21 -18.41
CA PRO A 172 3.32 -3.80 -18.04
C PRO A 172 2.59 -3.63 -16.69
N SER A 173 2.31 -2.38 -16.32
CA SER A 173 1.91 -1.93 -14.95
C SER A 173 0.44 -2.26 -14.71
N TYR A 174 -0.26 -2.65 -15.77
CA TYR A 174 -1.64 -3.21 -15.63
C TYR A 174 -1.64 -4.54 -14.83
N PHE A 175 -0.46 -5.13 -14.57
CA PHE A 175 -0.31 -6.37 -13.74
C PHE A 175 0.50 -6.09 -12.48
N VAL A 176 0.15 -6.70 -11.34
CA VAL A 176 0.93 -6.61 -10.06
C VAL A 176 2.11 -7.56 -10.19
N ARG A 177 3.33 -7.04 -10.22
CA ARG A 177 4.58 -7.82 -10.43
C ARG A 177 5.13 -8.17 -9.06
N PRO A 178 5.66 -9.41 -8.81
CA PRO A 178 6.21 -9.74 -7.50
C PRO A 178 7.54 -9.03 -7.22
N ASP A 179 7.91 -8.90 -5.94
CA ASP A 179 9.21 -8.36 -5.47
C ASP A 179 10.28 -9.32 -5.96
N LEU A 180 11.53 -8.84 -5.98
CA LEU A 180 12.73 -9.70 -6.18
C LEU A 180 12.94 -10.54 -4.91
N GLY A 181 13.10 -11.86 -5.09
CA GLY A 181 13.20 -12.81 -3.98
C GLY A 181 14.60 -13.41 -4.02
N PRO A 182 14.86 -14.55 -3.38
CA PRO A 182 13.87 -15.23 -2.54
C PRO A 182 13.57 -14.57 -1.18
N LYS A 183 12.61 -15.12 -0.46
CA LYS A 183 12.24 -14.76 0.94
C LYS A 183 12.47 -16.02 1.77
N MET A 184 13.01 -15.82 2.98
CA MET A 184 13.34 -16.87 3.94
C MET A 184 12.26 -16.88 4.99
N TYR A 185 11.81 -18.06 5.43
CA TYR A 185 10.73 -18.26 6.42
C TYR A 185 11.27 -19.17 7.52
N ASN A 186 11.59 -18.61 8.69
CA ASN A 186 12.28 -19.32 9.79
C ASN A 186 11.38 -19.30 11.01
N ALA A 187 11.05 -20.45 11.58
CA ALA A 187 10.17 -20.50 12.79
C ALA A 187 10.31 -21.81 13.57
N TYR A 188 10.11 -21.75 14.89
CA TYR A 188 10.12 -22.95 15.76
C TYR A 188 8.91 -23.85 15.38
N GLY A 189 8.94 -25.11 15.79
CA GLY A 189 7.78 -26.01 15.68
C GLY A 189 6.83 -25.79 16.84
N LEU A 190 5.55 -26.00 16.57
CA LEU A 190 4.45 -25.94 17.55
C LEU A 190 4.45 -27.28 18.31
N ILE A 191 4.00 -27.29 19.54
CA ILE A 191 4.46 -28.36 20.48
C ILE A 191 3.26 -29.10 21.07
N THR A 192 2.38 -28.38 21.74
CA THR A 192 1.37 -28.95 22.66
C THR A 192 0.07 -29.23 21.90
N ALA A 193 -0.89 -29.87 22.60
CA ALA A 193 -2.26 -30.17 22.10
C ALA A 193 -3.01 -28.86 21.81
N GLU A 194 -2.89 -27.85 22.67
CA GLU A 194 -3.44 -26.49 22.43
C GLU A 194 -2.80 -25.86 21.18
N ASP A 195 -1.52 -26.11 20.90
CA ASP A 195 -0.81 -25.52 19.74
C ASP A 195 -1.42 -26.05 18.41
N ARG A 196 -2.11 -27.19 18.44
CA ARG A 196 -2.70 -27.83 17.22
C ARG A 196 -3.65 -26.87 16.47
N ARG A 197 -4.22 -25.88 17.17
CA ARG A 197 -5.22 -24.90 16.69
C ARG A 197 -4.57 -23.60 16.17
N VAL A 198 -3.25 -23.52 16.11
CA VAL A 198 -2.54 -22.25 15.81
C VAL A 198 -1.73 -22.44 14.53
N GLY A 199 -1.49 -21.35 13.79
CA GLY A 199 -0.67 -21.35 12.57
C GLY A 199 0.74 -20.80 12.81
N THR A 200 1.71 -21.27 12.03
CA THR A 200 3.01 -20.58 11.83
C THR A 200 2.76 -19.39 10.88
N THR A 201 2.05 -19.61 9.76
CA THR A 201 1.54 -18.55 8.86
C THR A 201 0.02 -18.75 8.68
N ASN A 202 -0.76 -17.71 8.94
CA ASN A 202 -2.24 -17.75 8.88
C ASN A 202 -2.73 -17.82 7.43
N LEU A 203 -3.99 -18.21 7.29
CA LEU A 203 -4.67 -18.32 5.98
C LEU A 203 -4.56 -17.00 5.23
N HIS A 204 -4.07 -17.04 4.01
CA HIS A 204 -3.92 -15.84 3.14
C HIS A 204 -3.73 -16.27 1.68
N LEU A 205 -3.70 -15.33 0.71
CA LEU A 205 -3.40 -15.66 -0.70
C LEU A 205 -2.42 -14.63 -1.28
N ASP A 206 -1.73 -15.01 -2.34
CA ASP A 206 -0.81 -14.17 -3.14
C ASP A 206 -1.27 -14.12 -4.60
N VAL A 207 -1.05 -12.98 -5.23
CA VAL A 207 -1.50 -12.77 -6.64
C VAL A 207 -0.49 -13.38 -7.62
N SER A 208 0.70 -13.76 -7.15
N SER A 208 0.70 -13.77 -7.14
CA SER A 208 1.74 -14.45 -7.96
CA SER A 208 1.74 -14.45 -7.96
C SER A 208 1.78 -15.94 -7.58
C SER A 208 1.78 -15.94 -7.58
N ASP A 209 2.41 -16.75 -8.43
CA ASP A 209 2.67 -18.17 -8.17
C ASP A 209 3.89 -18.20 -7.22
N ALA A 210 4.09 -19.29 -6.47
CA ALA A 210 5.30 -19.42 -5.60
C ALA A 210 5.78 -20.86 -5.56
N VAL A 211 7.09 -21.04 -5.40
CA VAL A 211 7.72 -22.34 -5.06
C VAL A 211 8.41 -22.17 -3.71
N ASN A 212 8.11 -23.03 -2.73
CA ASN A 212 8.63 -22.94 -1.34
C ASN A 212 9.42 -24.22 -1.08
N VAL A 213 10.73 -24.12 -0.77
CA VAL A 213 11.60 -25.29 -0.48
C VAL A 213 11.94 -25.39 1.01
N MET A 214 11.79 -26.59 1.60
CA MET A 214 12.29 -26.99 2.93
C MET A 214 13.80 -27.32 2.81
N VAL A 215 14.66 -26.42 3.28
CA VAL A 215 16.14 -26.58 3.17
C VAL A 215 16.69 -27.11 4.50
N TYR A 216 15.94 -27.04 5.62
CA TYR A 216 16.45 -27.56 6.92
C TYR A 216 15.28 -27.81 7.85
N VAL A 217 15.29 -28.96 8.52
CA VAL A 217 14.32 -29.34 9.58
C VAL A 217 15.13 -29.69 10.84
N GLY A 218 14.87 -28.97 11.95
CA GLY A 218 15.58 -29.17 13.22
C GLY A 218 14.68 -29.88 14.18
N ILE A 219 15.04 -31.10 14.56
CA ILE A 219 14.23 -31.92 15.50
C ILE A 219 14.83 -31.82 16.91
N PRO A 220 14.23 -31.03 17.82
CA PRO A 220 14.82 -30.71 19.13
C PRO A 220 15.24 -31.83 20.10
N ILE A 221 15.86 -31.40 21.20
CA ILE A 221 16.48 -32.24 22.28
C ILE A 221 16.46 -31.43 23.57
N GLY A 222 16.18 -32.10 24.71
CA GLY A 222 15.91 -31.45 26.01
C GLY A 222 14.46 -31.60 26.40
N GLU A 223 13.56 -31.28 25.48
CA GLU A 223 12.11 -31.64 25.51
C GLU A 223 11.80 -32.41 24.23
N GLY A 224 12.85 -32.94 23.59
CA GLY A 224 12.78 -33.85 22.43
C GLY A 224 12.27 -35.22 22.83
N ALA A 225 10.99 -35.49 22.54
CA ALA A 225 10.25 -36.74 22.83
C ALA A 225 8.77 -36.51 22.50
N HIS A 226 8.47 -35.31 21.97
CA HIS A 226 7.11 -34.84 21.60
C HIS A 226 6.77 -35.35 20.20
N ASP A 227 7.27 -36.55 19.88
CA ASP A 227 7.12 -37.28 18.59
C ASP A 227 5.67 -37.75 18.42
N GLU A 228 4.97 -38.03 19.52
CA GLU A 228 3.58 -38.60 19.48
C GLU A 228 2.52 -37.52 19.20
N GLU A 229 2.73 -36.29 19.67
CA GLU A 229 1.80 -35.16 19.34
C GLU A 229 1.98 -34.76 17.85
N VAL A 230 3.18 -34.89 17.27
CA VAL A 230 3.43 -34.76 15.80
C VAL A 230 2.56 -35.75 15.02
N LEU A 231 2.40 -37.01 15.48
CA LEU A 231 1.58 -38.04 14.77
C LEU A 231 0.08 -37.68 14.82
N LYS A 232 -0.41 -37.31 16.00
N LYS A 232 -0.41 -37.33 16.01
CA LYS A 232 -1.82 -36.90 16.23
CA LYS A 232 -1.82 -36.90 16.23
C LYS A 232 -2.13 -35.67 15.35
C LYS A 232 -2.12 -35.68 15.32
N THR A 233 -1.19 -34.73 15.24
CA THR A 233 -1.38 -33.48 14.44
C THR A 233 -1.56 -33.80 12.95
N ILE A 234 -0.79 -34.76 12.43
CA ILE A 234 -0.82 -35.16 10.99
C ILE A 234 -2.13 -35.89 10.71
N ASP A 235 -2.48 -36.80 11.62
CA ASP A 235 -3.73 -37.60 11.54
C ASP A 235 -4.96 -36.66 11.47
N GLU A 236 -5.10 -35.80 12.47
CA GLU A 236 -6.20 -34.82 12.64
C GLU A 236 -6.11 -33.72 11.55
N GLY A 237 -4.90 -33.42 11.06
CA GLY A 237 -4.64 -32.57 9.88
C GLY A 237 -5.33 -33.04 8.60
N ASP A 238 -5.70 -34.35 8.53
CA ASP A 238 -6.51 -35.03 7.47
C ASP A 238 -5.57 -35.60 6.39
N ALA A 239 -4.35 -35.95 6.74
CA ALA A 239 -3.30 -36.33 5.79
C ALA A 239 -3.65 -37.72 5.22
N ASP A 240 -3.18 -38.03 4.01
CA ASP A 240 -3.53 -39.31 3.32
C ASP A 240 -2.66 -40.44 3.87
N GLU A 241 -3.05 -41.68 3.57
CA GLU A 241 -2.36 -42.92 4.06
C GLU A 241 -0.94 -43.02 3.48
N VAL A 242 -0.70 -42.58 2.25
CA VAL A 242 0.66 -42.62 1.63
C VAL A 242 1.61 -41.65 2.37
N THR A 243 1.11 -40.49 2.81
CA THR A 243 1.91 -39.46 3.54
C THR A 243 2.28 -40.05 4.91
N LYS A 244 1.32 -40.72 5.56
CA LYS A 244 1.58 -41.43 6.85
C LYS A 244 2.63 -42.53 6.67
N GLU A 245 2.67 -43.22 5.53
CA GLU A 245 3.72 -44.25 5.26
C GLU A 245 5.13 -43.60 5.19
N ARG A 246 5.29 -42.34 4.73
CA ARG A 246 6.62 -41.65 4.50
C ARG A 246 7.42 -41.44 5.81
N ILE A 247 6.70 -41.24 6.90
CA ILE A 247 7.20 -41.21 8.31
C ILE A 247 7.75 -42.60 8.68
N HIS A 248 6.79 -43.52 8.92
CA HIS A 248 6.97 -44.83 9.57
C HIS A 248 7.99 -45.67 8.74
N ASP A 249 7.97 -45.58 7.41
CA ASP A 249 8.64 -46.54 6.49
C ASP A 249 10.04 -46.04 6.05
N HIS A 250 10.16 -44.78 5.60
CA HIS A 250 11.41 -44.20 5.00
C HIS A 250 12.22 -43.41 6.03
N LYS A 251 11.62 -43.06 7.18
CA LYS A 251 12.15 -42.19 8.26
C LYS A 251 12.67 -40.86 7.69
N GLU A 252 11.98 -40.24 6.73
CA GLU A 252 12.27 -38.85 6.23
C GLU A 252 11.87 -37.82 7.31
N LYS A 253 12.48 -36.63 7.30
CA LYS A 253 12.22 -35.60 8.35
C LYS A 253 11.04 -34.74 7.95
N PRO A 254 9.90 -34.80 8.66
CA PRO A 254 8.75 -33.93 8.39
C PRO A 254 8.88 -32.51 8.97
N GLY A 255 8.60 -31.47 8.18
CA GLY A 255 8.75 -30.06 8.59
C GLY A 255 7.43 -29.42 8.97
N ALA A 256 6.50 -29.30 8.01
CA ALA A 256 5.29 -28.46 8.15
C ALA A 256 4.08 -29.13 7.49
N LEU A 257 2.93 -28.95 8.15
CA LEU A 257 1.58 -29.29 7.66
C LEU A 257 0.95 -28.05 6.99
N TRP A 258 0.66 -28.13 5.70
CA TRP A 258 -0.05 -27.10 4.87
C TRP A 258 -1.50 -27.52 4.63
N HIS A 259 -2.41 -26.56 4.52
CA HIS A 259 -3.72 -26.70 3.86
C HIS A 259 -3.76 -25.68 2.72
N ILE A 260 -4.01 -26.12 1.50
CA ILE A 260 -4.19 -25.22 0.33
C ILE A 260 -5.59 -25.46 -0.25
N TYR A 261 -6.24 -24.39 -0.73
CA TYR A 261 -7.59 -24.36 -1.35
C TYR A 261 -7.47 -23.77 -2.76
N ALA A 262 -8.27 -24.27 -3.70
CA ALA A 262 -8.39 -23.77 -5.09
C ALA A 262 -8.77 -22.29 -5.07
N ALA A 263 -8.12 -21.48 -5.93
CA ALA A 263 -8.43 -20.06 -6.13
C ALA A 263 -9.94 -19.86 -6.31
N LYS A 264 -10.63 -20.76 -6.98
CA LYS A 264 -12.09 -20.60 -7.25
C LYS A 264 -12.91 -20.73 -5.96
N ASP A 265 -12.38 -21.29 -4.85
CA ASP A 265 -13.15 -21.43 -3.58
C ASP A 265 -12.95 -20.25 -2.61
N ALA A 266 -12.15 -19.23 -2.95
CA ALA A 266 -11.75 -18.15 -2.01
C ALA A 266 -12.98 -17.44 -1.43
N GLU A 267 -14.00 -17.13 -2.26
CA GLU A 267 -15.17 -16.34 -1.78
C GLU A 267 -16.01 -17.19 -0.82
N LYS A 268 -16.20 -18.49 -1.08
CA LYS A 268 -16.89 -19.34 -0.08
C LYS A 268 -16.13 -19.32 1.25
N ILE A 269 -14.80 -19.37 1.23
CA ILE A 269 -13.98 -19.30 2.47
C ILE A 269 -14.26 -17.91 3.10
N ARG A 270 -14.33 -16.84 2.30
CA ARG A 270 -14.66 -15.53 2.94
C ARG A 270 -16.02 -15.61 3.67
N GLU A 271 -17.01 -16.28 3.07
CA GLU A 271 -18.40 -16.30 3.60
C GLU A 271 -18.40 -17.05 4.93
N LEU A 272 -17.76 -18.22 5.01
CA LEU A 272 -17.63 -18.98 6.29
C LEU A 272 -17.01 -18.07 7.36
N LEU A 273 -15.91 -17.41 7.03
CA LEU A 273 -15.13 -16.69 8.06
C LEU A 273 -15.92 -15.45 8.53
N ARG A 274 -16.74 -14.85 7.65
CA ARG A 274 -17.62 -13.72 8.05
C ARG A 274 -18.72 -14.22 9.02
N LYS A 275 -19.35 -15.36 8.73
CA LYS A 275 -20.32 -16.02 9.64
C LYS A 275 -19.64 -16.30 11.00
N VAL A 276 -18.49 -16.97 10.99
CA VAL A 276 -17.78 -17.32 12.25
C VAL A 276 -17.45 -16.04 13.06
N GLY A 277 -16.98 -14.96 12.43
CA GLY A 277 -16.65 -13.70 13.11
C GLY A 277 -17.86 -13.14 13.84
N GLU A 278 -19.02 -13.17 13.18
CA GLU A 278 -20.32 -12.73 13.73
C GLU A 278 -20.64 -13.60 14.93
N GLU A 279 -20.62 -14.93 14.80
CA GLU A 279 -20.92 -15.83 15.94
C GLU A 279 -20.01 -15.51 17.14
N GLN A 280 -18.75 -15.15 16.92
CA GLN A 280 -17.74 -14.92 17.99
C GLN A 280 -17.78 -13.44 18.43
N GLY A 281 -18.89 -12.74 18.19
CA GLY A 281 -19.05 -11.31 18.46
C GLY A 281 -17.87 -10.46 17.98
N GLN A 282 -17.21 -10.76 16.85
CA GLN A 282 -16.47 -9.71 16.09
C GLN A 282 -17.52 -8.76 15.50
N GLU A 283 -17.16 -7.52 15.18
CA GLU A 283 -18.12 -6.57 14.56
C GLU A 283 -17.43 -5.98 13.33
N ASN A 284 -17.83 -6.43 12.14
CA ASN A 284 -17.14 -6.18 10.85
C ASN A 284 -18.18 -5.77 9.80
N PRO A 285 -17.86 -4.84 8.86
CA PRO A 285 -18.74 -4.55 7.73
C PRO A 285 -18.89 -5.75 6.79
N PRO A 286 -20.11 -5.99 6.23
CA PRO A 286 -20.39 -7.20 5.45
C PRO A 286 -19.46 -7.51 4.26
N ASP A 287 -18.58 -6.56 3.92
CA ASP A 287 -17.71 -6.54 2.72
C ASP A 287 -16.23 -6.85 3.11
N HIS A 288 -15.87 -6.83 4.40
CA HIS A 288 -14.46 -6.89 4.86
C HIS A 288 -13.86 -8.26 4.53
N ASP A 289 -12.55 -8.33 4.32
CA ASP A 289 -11.91 -9.52 3.69
C ASP A 289 -11.13 -10.30 4.74
N PRO A 290 -11.73 -11.34 5.35
CA PRO A 290 -11.07 -12.14 6.40
C PRO A 290 -9.83 -12.86 5.88
N ILE A 291 -9.75 -13.14 4.58
CA ILE A 291 -8.52 -13.80 4.02
C ILE A 291 -7.39 -12.76 4.00
N HIS A 292 -7.66 -11.55 3.50
CA HIS A 292 -6.62 -10.48 3.36
C HIS A 292 -6.10 -10.06 4.75
N ASP A 293 -6.95 -10.08 5.78
CA ASP A 293 -6.61 -9.76 7.20
C ASP A 293 -5.52 -10.69 7.75
N GLN A 294 -5.41 -11.92 7.21
CA GLN A 294 -4.36 -12.89 7.57
C GLN A 294 -4.47 -13.17 9.08
N SER A 295 -5.69 -13.21 9.61
CA SER A 295 -5.93 -13.29 11.07
C SER A 295 -6.46 -14.66 11.47
N TRP A 296 -6.76 -15.58 10.53
CA TRP A 296 -7.41 -16.89 10.81
C TRP A 296 -6.48 -18.08 10.54
N TYR A 297 -6.61 -19.12 11.37
CA TYR A 297 -6.06 -20.49 11.12
C TYR A 297 -7.25 -21.44 11.16
N LEU A 298 -7.45 -22.22 10.08
CA LEU A 298 -8.61 -23.16 10.00
C LEU A 298 -8.16 -24.45 10.69
N ASP A 299 -8.67 -24.69 11.90
CA ASP A 299 -8.42 -25.91 12.72
C ASP A 299 -9.34 -27.04 12.23
N GLN A 300 -9.30 -28.22 12.84
CA GLN A 300 -10.13 -29.37 12.38
C GLN A 300 -11.62 -28.99 12.31
N THR A 301 -12.12 -28.23 13.27
CA THR A 301 -13.57 -27.86 13.35
C THR A 301 -13.95 -26.98 12.16
N LEU A 302 -13.09 -26.04 11.82
CA LEU A 302 -13.44 -25.05 10.78
C LEU A 302 -13.28 -25.74 9.44
N ARG A 303 -12.33 -26.65 9.31
CA ARG A 303 -12.10 -27.35 8.03
C ARG A 303 -13.31 -28.23 7.73
N LYS A 304 -13.87 -28.88 8.76
CA LYS A 304 -15.00 -29.81 8.60
C LYS A 304 -16.25 -29.00 8.21
N ARG A 305 -16.44 -27.86 8.84
CA ARG A 305 -17.56 -26.93 8.59
C ARG A 305 -17.49 -26.37 7.15
N LEU A 306 -16.28 -26.09 6.66
CA LEU A 306 -16.06 -25.59 5.29
C LEU A 306 -16.51 -26.65 4.27
N TYR A 307 -16.17 -27.92 4.50
CA TYR A 307 -16.57 -29.09 3.69
C TYR A 307 -18.11 -29.28 3.75
N GLU A 308 -18.72 -29.42 4.94
CA GLU A 308 -20.12 -29.85 5.17
C GLU A 308 -21.09 -28.74 4.69
N GLU A 309 -20.82 -27.50 5.10
CA GLU A 309 -21.75 -26.35 4.93
C GLU A 309 -21.52 -25.58 3.62
N TYR A 310 -20.33 -25.67 2.99
CA TYR A 310 -19.97 -24.84 1.80
C TYR A 310 -19.46 -25.71 0.65
N GLY A 311 -19.28 -27.00 0.87
CA GLY A 311 -18.96 -27.96 -0.18
C GLY A 311 -17.55 -27.79 -0.69
N VAL A 312 -16.62 -27.31 0.16
CA VAL A 312 -15.22 -26.98 -0.24
C VAL A 312 -14.23 -28.01 0.36
N GLN A 313 -13.40 -28.59 -0.48
CA GLN A 313 -12.35 -29.56 -0.10
C GLN A 313 -10.98 -28.97 -0.44
N GLY A 314 -10.02 -29.17 0.46
CA GLY A 314 -8.63 -28.69 0.33
C GLY A 314 -7.66 -29.83 0.06
N TRP A 315 -6.38 -29.49 -0.02
CA TRP A 315 -5.22 -30.38 -0.07
C TRP A 315 -4.46 -30.20 1.27
N ALA A 316 -4.33 -31.26 2.03
CA ALA A 316 -3.52 -31.38 3.25
C ALA A 316 -2.17 -31.98 2.83
N ILE A 317 -1.09 -31.24 3.01
CA ILE A 317 0.26 -31.55 2.45
C ILE A 317 1.30 -31.49 3.59
N VAL A 318 2.05 -32.55 3.78
CA VAL A 318 3.17 -32.53 4.77
C VAL A 318 4.46 -32.34 3.97
N GLN A 319 5.15 -31.23 4.19
CA GLN A 319 6.39 -30.86 3.44
C GLN A 319 7.54 -31.40 4.29
N PHE A 320 8.26 -32.39 3.77
CA PHE A 320 9.45 -33.03 4.40
C PHE A 320 10.71 -32.27 3.97
N LEU A 321 11.84 -32.44 4.67
CA LEU A 321 13.15 -31.92 4.21
C LEU A 321 13.32 -32.16 2.71
N GLY A 322 13.68 -31.13 1.98
CA GLY A 322 13.94 -31.21 0.53
C GLY A 322 12.69 -31.14 -0.36
N ASP A 323 11.48 -31.19 0.19
CA ASP A 323 10.23 -31.01 -0.60
C ASP A 323 10.01 -29.55 -1.04
N ALA A 324 9.65 -29.36 -2.31
CA ALA A 324 9.30 -28.04 -2.89
C ALA A 324 7.78 -28.00 -3.13
N VAL A 325 7.05 -27.10 -2.43
CA VAL A 325 5.58 -26.93 -2.64
C VAL A 325 5.33 -25.81 -3.66
N PHE A 326 4.62 -26.09 -4.75
CA PHE A 326 4.17 -25.10 -5.78
C PHE A 326 2.76 -24.63 -5.41
N ILE A 327 2.60 -23.33 -5.10
CA ILE A 327 1.28 -22.76 -4.67
C ILE A 327 0.74 -21.88 -5.82
N PRO A 328 -0.42 -22.25 -6.41
CA PRO A 328 -0.99 -21.45 -7.49
C PRO A 328 -1.43 -20.03 -7.05
N ALA A 329 -1.22 -19.03 -7.91
CA ALA A 329 -1.78 -17.67 -7.71
C ALA A 329 -3.24 -17.73 -7.29
N GLY A 330 -3.61 -16.96 -6.27
CA GLY A 330 -5.00 -16.84 -5.82
C GLY A 330 -5.46 -17.93 -4.87
N ALA A 331 -4.63 -18.96 -4.63
CA ALA A 331 -5.02 -20.07 -3.76
C ALA A 331 -4.82 -19.71 -2.29
N PRO A 332 -5.90 -19.64 -1.47
CA PRO A 332 -5.80 -19.49 -0.03
C PRO A 332 -4.96 -20.63 0.58
N HIS A 333 -4.04 -20.31 1.50
CA HIS A 333 -3.16 -21.34 2.16
C HIS A 333 -2.68 -20.88 3.55
N GLN A 334 -2.40 -21.88 4.38
CA GLN A 334 -1.93 -21.74 5.77
C GLN A 334 -0.85 -22.80 6.03
N VAL A 335 0.04 -22.52 6.98
CA VAL A 335 1.22 -23.39 7.32
C VAL A 335 1.27 -23.55 8.85
N HIS A 336 1.52 -24.76 9.33
CA HIS A 336 1.71 -25.16 10.74
C HIS A 336 2.99 -26.00 10.84
N ASN A 337 4.08 -25.44 11.40
CA ASN A 337 5.39 -26.12 11.58
C ASN A 337 5.20 -27.22 12.63
N LEU A 338 5.59 -28.44 12.26
CA LEU A 338 5.59 -29.64 13.13
C LEU A 338 6.89 -29.64 13.94
N TYR A 339 8.00 -29.30 13.30
CA TYR A 339 9.30 -29.05 13.96
C TYR A 339 9.87 -27.73 13.46
N SER A 340 11.09 -27.42 13.88
CA SER A 340 11.73 -26.12 13.58
C SER A 340 12.14 -26.15 12.12
N CYS A 341 11.80 -25.12 11.33
CA CYS A 341 12.05 -25.14 9.87
C CYS A 341 12.74 -23.91 9.35
N ILE A 342 13.49 -24.12 8.28
CA ILE A 342 14.02 -23.05 7.40
C ILE A 342 13.45 -23.34 6.00
N LYS A 343 12.65 -22.43 5.48
CA LYS A 343 12.06 -22.51 4.13
C LYS A 343 12.56 -21.32 3.32
N VAL A 344 12.79 -21.49 2.01
CA VAL A 344 13.13 -20.41 1.07
C VAL A 344 12.17 -20.51 -0.13
N ALA A 345 11.55 -19.41 -0.49
CA ALA A 345 10.45 -19.33 -1.47
C ALA A 345 10.82 -18.30 -2.55
N GLU A 346 10.42 -18.54 -3.79
CA GLU A 346 10.58 -17.62 -4.93
C GLU A 346 9.21 -17.42 -5.58
N ASP A 347 8.82 -16.19 -5.84
CA ASP A 347 7.60 -15.85 -6.61
C ASP A 347 7.88 -15.90 -8.11
N PHE A 348 6.84 -16.20 -8.91
CA PHE A 348 6.92 -16.18 -10.41
C PHE A 348 5.51 -15.96 -10.98
N VAL A 349 5.44 -15.63 -12.27
CA VAL A 349 4.14 -15.40 -12.99
C VAL A 349 4.02 -16.36 -14.19
N SER A 350 3.36 -17.49 -13.99
CA SER A 350 3.11 -18.50 -15.06
C SER A 350 2.00 -17.98 -15.99
N PRO A 351 2.03 -18.27 -17.30
CA PRO A 351 0.97 -17.82 -18.18
C PRO A 351 -0.38 -18.42 -17.77
N GLU A 352 -0.36 -19.63 -17.22
CA GLU A 352 -1.55 -20.40 -16.78
C GLU A 352 -2.38 -19.55 -15.81
N HIS A 353 -1.76 -18.67 -15.02
CA HIS A 353 -2.44 -18.03 -13.85
C HIS A 353 -2.36 -16.49 -13.85
N VAL A 354 -1.85 -15.88 -14.91
CA VAL A 354 -1.61 -14.42 -15.00
C VAL A 354 -2.89 -13.63 -14.73
N LYS A 355 -4.07 -14.12 -15.12
CA LYS A 355 -5.38 -13.54 -14.74
C LYS A 355 -5.33 -12.99 -13.31
N HIS A 356 -4.70 -13.68 -12.38
CA HIS A 356 -4.86 -13.43 -10.93
C HIS A 356 -4.17 -12.12 -10.51
N CYS A 357 -3.23 -11.59 -11.29
CA CYS A 357 -2.47 -10.34 -10.95
C CYS A 357 -2.88 -9.15 -11.86
N PHE A 358 -3.86 -9.32 -12.76
CA PHE A 358 -4.39 -8.24 -13.63
C PHE A 358 -5.19 -7.23 -12.78
N ARG A 359 -5.03 -5.94 -13.04
CA ARG A 359 -5.62 -4.85 -12.20
C ARG A 359 -6.99 -4.37 -12.70
N LEU A 360 -7.61 -4.98 -13.72
CA LEU A 360 -8.96 -4.57 -14.18
C LEU A 360 -9.97 -5.73 -14.15
N THR A 361 -11.24 -5.38 -14.35
CA THR A 361 -12.51 -6.19 -14.38
C THR A 361 -12.49 -7.21 -13.24
N MET B 23 -20.21 47.78 -0.45
CA MET B 23 -21.27 47.21 -1.32
C MET B 23 -20.71 46.02 -2.12
N THR B 24 -19.38 45.86 -2.24
CA THR B 24 -18.75 44.59 -2.73
C THR B 24 -19.38 43.41 -1.97
N SER B 25 -19.97 42.47 -2.71
CA SER B 25 -20.60 41.28 -2.11
C SER B 25 -19.49 40.42 -1.47
N HIS B 26 -19.66 40.08 -0.19
CA HIS B 26 -18.72 39.24 0.61
C HIS B 26 -19.40 38.69 1.87
N SER B 27 -18.71 37.79 2.59
CA SER B 27 -19.02 37.32 3.98
C SER B 27 -17.74 36.79 4.66
N TRP B 28 -17.74 36.64 5.98
CA TRP B 28 -16.55 36.35 6.82
C TRP B 28 -16.69 34.99 7.51
N LEU B 29 -15.90 33.99 7.09
CA LEU B 29 -15.88 32.62 7.68
C LEU B 29 -14.69 32.47 8.63
N CYS B 30 -14.57 31.27 9.23
CA CYS B 30 -13.46 30.85 10.14
C CYS B 30 -13.28 31.88 11.26
N ASP B 31 -14.35 32.12 12.04
CA ASP B 31 -14.36 33.06 13.20
C ASP B 31 -13.93 34.47 12.74
N GLY B 32 -14.25 34.84 11.49
CA GLY B 32 -13.95 36.17 10.90
C GLY B 32 -12.53 36.28 10.36
N ARG B 33 -11.82 35.17 10.19
CA ARG B 33 -10.38 35.15 9.77
C ARG B 33 -10.25 34.81 8.28
N LEU B 34 -11.36 34.59 7.56
CA LEU B 34 -11.36 34.21 6.12
C LEU B 34 -12.41 35.03 5.36
N LEU B 35 -11.96 35.96 4.51
CA LEU B 35 -12.82 36.70 3.56
C LEU B 35 -13.31 35.71 2.48
N CYS B 36 -14.56 35.88 2.04
CA CYS B 36 -15.15 35.17 0.88
C CYS B 36 -15.83 36.20 -0.03
N LEU B 37 -15.23 36.50 -1.19
CA LEU B 37 -15.81 37.42 -2.23
C LEU B 37 -16.68 36.64 -3.22
N HIS B 38 -17.85 37.17 -3.59
CA HIS B 38 -18.92 36.38 -4.27
C HIS B 38 -19.11 36.78 -5.74
N ASP B 39 -18.62 37.93 -6.20
CA ASP B 39 -18.67 38.32 -7.62
C ASP B 39 -17.23 38.34 -8.16
N PRO B 40 -16.86 37.29 -8.94
CA PRO B 40 -15.47 37.10 -9.37
C PRO B 40 -14.93 38.19 -10.31
N SER B 41 -15.80 38.93 -11.01
CA SER B 41 -15.43 39.99 -11.97
C SER B 41 -15.64 41.43 -11.41
N ASN B 42 -16.10 41.62 -10.16
CA ASN B 42 -16.26 42.99 -9.55
C ASN B 42 -14.89 43.69 -9.44
N LYS B 43 -14.76 44.85 -10.09
CA LYS B 43 -13.50 45.62 -10.25
C LYS B 43 -13.06 46.22 -8.89
N ASN B 44 -13.91 46.19 -7.86
CA ASN B 44 -13.58 46.65 -6.48
C ASN B 44 -13.07 45.51 -5.55
N ASN B 45 -12.87 44.27 -6.04
CA ASN B 45 -12.56 43.10 -5.18
C ASN B 45 -11.29 43.34 -4.36
N TRP B 46 -10.34 44.08 -4.92
CA TRP B 46 -9.00 44.37 -4.38
C TRP B 46 -9.09 45.12 -3.03
N LYS B 47 -10.14 45.91 -2.79
CA LYS B 47 -10.20 46.88 -1.66
C LYS B 47 -10.17 46.16 -0.31
N ILE B 48 -11.03 45.16 -0.15
CA ILE B 48 -11.09 44.37 1.14
C ILE B 48 -9.99 43.29 1.14
N PHE B 49 -9.62 42.82 -0.06
CA PHE B 49 -8.60 41.77 -0.27
C PHE B 49 -7.26 42.22 0.34
N ARG B 50 -6.85 43.47 0.09
CA ARG B 50 -5.49 44.02 0.40
C ARG B 50 -5.07 43.71 1.85
N GLU B 51 -5.86 44.11 2.85
CA GLU B 51 -5.54 43.94 4.29
C GLU B 51 -5.51 42.45 4.68
N CYS B 52 -6.44 41.62 4.22
CA CYS B 52 -6.39 40.16 4.48
C CYS B 52 -5.05 39.60 3.98
N TRP B 53 -4.67 39.94 2.76
CA TRP B 53 -3.44 39.43 2.11
C TRP B 53 -2.21 39.99 2.84
N LYS B 54 -2.24 41.27 3.27
CA LYS B 54 -1.13 41.85 4.07
C LYS B 54 -0.96 41.06 5.37
N GLN B 55 -2.01 40.68 6.06
CA GLN B 55 -1.92 39.94 7.34
C GLN B 55 -1.54 38.47 7.10
N GLY B 56 -1.39 38.00 5.86
CA GLY B 56 -0.93 36.62 5.56
C GLY B 56 -2.06 35.59 5.57
N GLN B 57 -3.28 36.02 5.32
CA GLN B 57 -4.48 35.13 5.36
C GLN B 57 -4.76 34.64 3.94
N PRO B 58 -5.18 33.38 3.76
CA PRO B 58 -5.80 32.97 2.50
C PRO B 58 -7.11 33.74 2.32
N VAL B 59 -7.58 33.76 1.09
CA VAL B 59 -8.87 34.35 0.65
C VAL B 59 -9.54 33.36 -0.30
N LEU B 60 -10.87 33.31 -0.27
CA LEU B 60 -11.71 32.53 -1.23
C LEU B 60 -12.53 33.49 -2.12
N VAL B 61 -12.66 33.17 -3.41
CA VAL B 61 -13.60 33.81 -4.36
C VAL B 61 -14.47 32.68 -4.95
N SER B 62 -15.78 32.83 -4.84
CA SER B 62 -16.79 31.84 -5.29
C SER B 62 -17.34 32.26 -6.67
N GLY B 63 -17.92 31.34 -7.45
CA GLY B 63 -18.68 31.68 -8.67
C GLY B 63 -17.88 31.62 -9.95
N VAL B 64 -16.64 31.15 -9.94
CA VAL B 64 -15.78 31.23 -11.17
C VAL B 64 -16.29 30.24 -12.25
N HIS B 65 -16.90 29.13 -11.88
CA HIS B 65 -17.47 28.12 -12.84
C HIS B 65 -18.48 28.81 -13.77
N LYS B 66 -19.23 29.77 -13.23
CA LYS B 66 -20.25 30.49 -14.02
C LYS B 66 -19.61 31.36 -15.08
N LYS B 67 -18.31 31.61 -15.04
CA LYS B 67 -17.58 32.42 -16.05
C LYS B 67 -16.89 31.54 -17.12
N LEU B 68 -16.80 30.22 -16.93
CA LEU B 68 -16.02 29.34 -17.85
C LEU B 68 -16.98 28.66 -18.87
N LYS B 69 -16.45 28.14 -19.97
CA LYS B 69 -17.18 27.20 -20.88
C LYS B 69 -17.20 25.79 -20.30
N SER B 70 -18.30 25.38 -19.66
CA SER B 70 -18.35 24.12 -18.86
C SER B 70 -18.02 22.86 -19.70
N GLU B 71 -18.32 22.86 -21.00
CA GLU B 71 -18.04 21.71 -21.91
C GLU B 71 -16.51 21.51 -22.03
N LEU B 72 -15.67 22.52 -21.75
CA LEU B 72 -14.19 22.38 -21.88
C LEU B 72 -13.61 21.63 -20.66
N TRP B 73 -14.37 21.45 -19.57
CA TRP B 73 -13.80 20.99 -18.27
C TRP B 73 -14.44 19.69 -17.80
N LYS B 74 -14.90 18.84 -18.73
CA LYS B 74 -15.56 17.55 -18.41
C LYS B 74 -14.57 16.38 -18.51
N PRO B 75 -14.59 15.41 -17.59
CA PRO B 75 -13.73 14.21 -17.71
C PRO B 75 -13.79 13.53 -19.09
N GLU B 76 -15.00 13.37 -19.64
CA GLU B 76 -15.29 12.73 -20.95
C GLU B 76 -14.52 13.43 -22.08
N ALA B 77 -14.39 14.75 -22.05
CA ALA B 77 -13.73 15.52 -23.13
C ALA B 77 -12.21 15.31 -23.05
N PHE B 78 -11.64 15.28 -21.84
CA PHE B 78 -10.19 14.99 -21.67
C PHE B 78 -9.88 13.56 -22.18
N SER B 79 -10.73 12.58 -21.89
CA SER B 79 -10.56 11.18 -22.35
C SER B 79 -10.61 11.07 -23.88
N GLN B 80 -11.64 11.63 -24.52
CA GLN B 80 -11.84 11.57 -26.00
C GLN B 80 -10.72 12.32 -26.70
N GLU B 81 -10.24 13.42 -26.15
CA GLU B 81 -9.25 14.27 -26.84
C GLU B 81 -7.84 13.79 -26.58
N PHE B 82 -7.50 13.28 -25.38
CA PHE B 82 -6.07 13.04 -25.04
C PHE B 82 -5.82 11.62 -24.52
N GLY B 83 -6.77 10.72 -24.71
CA GLY B 83 -6.87 9.43 -23.99
C GLY B 83 -5.82 8.40 -24.36
N ASP B 84 -5.12 8.58 -25.48
CA ASP B 84 -4.12 7.59 -25.96
C ASP B 84 -2.70 7.99 -25.56
N GLN B 85 -2.52 9.09 -24.81
CA GLN B 85 -1.20 9.49 -24.26
C GLN B 85 -0.82 8.57 -23.09
N ASP B 86 0.48 8.34 -22.94
CA ASP B 86 1.05 7.51 -21.84
C ASP B 86 1.33 8.43 -20.67
N VAL B 87 1.22 7.89 -19.46
CA VAL B 87 1.17 8.72 -18.23
C VAL B 87 1.52 7.85 -17.00
N ASP B 88 2.01 8.48 -15.92
CA ASP B 88 2.16 7.81 -14.60
C ASP B 88 1.03 8.25 -13.70
N LEU B 89 0.58 7.34 -12.85
CA LEU B 89 -0.39 7.62 -11.78
C LEU B 89 0.29 7.36 -10.42
N VAL B 90 -0.29 7.90 -9.33
CA VAL B 90 0.14 7.68 -7.91
C VAL B 90 -1.08 7.14 -7.16
N ASN B 91 -0.90 6.02 -6.47
CA ASN B 91 -1.89 5.44 -5.53
C ASN B 91 -1.87 6.30 -4.25
N CYS B 92 -2.93 7.05 -3.94
CA CYS B 92 -2.88 8.05 -2.83
C CYS B 92 -2.78 7.37 -1.45
N ARG B 93 -3.11 6.08 -1.32
CA ARG B 93 -3.07 5.37 -0.02
C ARG B 93 -1.63 4.96 0.38
N ASN B 94 -0.73 4.67 -0.58
CA ASN B 94 0.61 4.12 -0.24
C ASN B 94 1.73 4.83 -1.02
N CYS B 95 1.43 5.87 -1.81
CA CYS B 95 2.40 6.69 -2.58
C CYS B 95 3.09 5.89 -3.70
N ALA B 96 2.63 4.68 -4.03
CA ALA B 96 3.23 3.85 -5.11
C ALA B 96 2.93 4.45 -6.50
N ILE B 97 3.93 4.48 -7.40
CA ILE B 97 3.80 4.93 -8.80
C ILE B 97 3.32 3.77 -9.69
N ILE B 98 2.22 3.98 -10.41
CA ILE B 98 1.75 3.08 -11.51
C ILE B 98 2.21 3.71 -12.84
N SER B 99 3.20 3.09 -13.49
CA SER B 99 3.96 3.73 -14.58
C SER B 99 3.48 3.27 -15.96
N ASP B 100 3.35 4.26 -16.84
CA ASP B 100 3.20 4.06 -18.29
C ASP B 100 1.90 3.32 -18.57
N VAL B 101 0.80 3.83 -18.04
CA VAL B 101 -0.58 3.46 -18.46
C VAL B 101 -1.16 4.55 -19.37
N LYS B 102 -2.40 4.41 -19.81
CA LYS B 102 -3.05 5.34 -20.76
C LYS B 102 -3.93 6.34 -19.99
N VAL B 103 -3.84 7.61 -20.34
CA VAL B 103 -4.68 8.70 -19.77
C VAL B 103 -6.14 8.24 -19.68
N ARG B 104 -6.68 7.52 -20.66
CA ARG B 104 -8.13 7.12 -20.64
C ARG B 104 -8.41 6.14 -19.50
N ASP B 105 -7.40 5.40 -19.03
CA ASP B 105 -7.59 4.44 -17.92
C ASP B 105 -7.74 5.25 -16.61
N PHE B 106 -7.20 6.47 -16.51
CA PHE B 106 -7.48 7.38 -15.37
C PHE B 106 -8.91 7.94 -15.48
N TRP B 107 -9.24 8.62 -16.58
CA TRP B 107 -10.49 9.40 -16.74
C TRP B 107 -11.72 8.49 -16.75
N ASP B 108 -11.61 7.28 -17.26
CA ASP B 108 -12.82 6.41 -17.42
C ASP B 108 -13.28 5.89 -16.04
N GLY B 109 -12.39 5.91 -15.02
CA GLY B 109 -12.70 5.59 -13.61
C GLY B 109 -13.06 6.81 -12.75
N PHE B 110 -13.09 8.02 -13.34
CA PHE B 110 -13.22 9.28 -12.56
C PHE B 110 -14.46 9.23 -11.66
N GLU B 111 -15.59 8.77 -12.19
CA GLU B 111 -16.88 8.70 -11.47
C GLU B 111 -17.52 7.32 -11.45
N ILE B 112 -17.01 6.35 -12.23
CA ILE B 112 -17.48 4.92 -12.23
C ILE B 112 -16.47 4.07 -11.46
N ILE B 113 -16.78 3.67 -10.25
CA ILE B 113 -15.77 3.04 -9.35
C ILE B 113 -15.33 1.66 -9.89
N CYS B 114 -16.20 0.95 -10.60
CA CYS B 114 -15.93 -0.44 -11.02
C CYS B 114 -14.99 -0.42 -12.25
N LYS B 115 -14.83 0.73 -12.92
CA LYS B 115 -13.87 0.90 -14.06
C LYS B 115 -12.45 1.19 -13.54
N ARG B 116 -12.20 1.29 -12.24
CA ARG B 116 -10.89 1.77 -11.73
C ARG B 116 -9.86 0.64 -11.65
N LEU B 117 -8.59 0.95 -11.95
CA LEU B 117 -7.44 0.04 -11.71
C LEU B 117 -7.47 -0.40 -10.22
N ARG B 118 -7.15 -1.65 -9.93
CA ARG B 118 -7.20 -2.21 -8.56
C ARG B 118 -5.81 -2.46 -8.01
N SER B 119 -5.72 -2.55 -6.68
CA SER B 119 -4.46 -2.79 -5.94
C SER B 119 -4.37 -4.30 -5.64
N GLU B 120 -3.24 -4.75 -5.11
CA GLU B 120 -2.95 -6.17 -4.77
C GLU B 120 -4.18 -6.82 -4.11
N ASP B 121 -4.91 -6.06 -3.29
CA ASP B 121 -5.96 -6.56 -2.37
C ASP B 121 -7.29 -6.70 -3.09
N GLY B 122 -7.36 -6.37 -4.39
CA GLY B 122 -8.62 -6.41 -5.15
C GLY B 122 -9.44 -5.12 -5.04
N GLN B 123 -9.06 -4.17 -4.20
CA GLN B 123 -9.80 -2.88 -4.04
C GLN B 123 -9.53 -1.92 -5.21
N PRO B 124 -10.55 -1.18 -5.65
CA PRO B 124 -10.34 -0.04 -6.55
C PRO B 124 -9.45 1.01 -5.89
N MET B 125 -8.48 1.52 -6.64
CA MET B 125 -7.47 2.47 -6.12
C MET B 125 -8.04 3.91 -6.13
N VAL B 126 -7.58 4.72 -5.18
CA VAL B 126 -7.74 6.19 -5.22
C VAL B 126 -6.47 6.75 -5.88
N LEU B 127 -6.60 7.27 -7.10
CA LEU B 127 -5.45 7.59 -7.98
C LEU B 127 -5.37 9.10 -8.22
N LYS B 128 -4.15 9.62 -8.40
CA LYS B 128 -3.91 10.96 -8.94
C LYS B 128 -3.01 10.89 -10.17
N LEU B 129 -3.34 11.68 -11.15
CA LEU B 129 -2.62 11.81 -12.42
C LEU B 129 -1.42 12.72 -12.12
N LYS B 130 -0.23 12.19 -12.32
CA LYS B 130 1.06 12.85 -12.09
C LYS B 130 1.52 13.62 -13.35
N ASP B 131 1.85 14.89 -13.11
CA ASP B 131 2.54 15.81 -14.05
C ASP B 131 1.84 15.81 -15.40
N TRP B 132 0.56 16.15 -15.44
CA TRP B 132 -0.21 16.14 -16.72
C TRP B 132 -1.12 17.37 -16.82
N PRO B 133 -1.11 18.12 -17.95
CA PRO B 133 -0.10 18.00 -18.99
C PRO B 133 1.33 18.15 -18.46
N PRO B 134 2.34 17.52 -19.09
CA PRO B 134 3.69 17.50 -18.50
C PRO B 134 4.40 18.85 -18.57
N GLY B 135 5.15 19.15 -17.52
CA GLY B 135 5.99 20.35 -17.41
C GLY B 135 5.17 21.59 -17.67
N GLU B 136 5.47 22.28 -18.77
CA GLU B 136 4.91 23.61 -19.14
C GLU B 136 4.07 23.45 -20.42
N ASP B 137 3.65 22.22 -20.70
CA ASP B 137 2.93 21.84 -21.93
C ASP B 137 1.48 22.36 -21.95
N PHE B 138 0.94 22.81 -20.82
CA PHE B 138 -0.53 23.11 -20.70
C PHE B 138 -0.92 24.05 -21.83
N ARG B 139 -0.20 25.13 -22.03
CA ARG B 139 -0.55 26.14 -23.07
C ARG B 139 -0.53 25.48 -24.45
N ASP B 140 0.49 24.68 -24.77
CA ASP B 140 0.71 24.13 -26.14
C ASP B 140 -0.25 22.98 -26.40
N MET B 141 -0.53 22.16 -25.40
CA MET B 141 -1.41 20.98 -25.56
C MET B 141 -2.88 21.39 -25.57
N MET B 142 -3.25 22.42 -24.78
CA MET B 142 -4.66 22.75 -24.46
C MET B 142 -4.90 24.25 -24.60
N PRO B 143 -4.62 24.84 -25.79
CA PRO B 143 -4.73 26.31 -25.98
C PRO B 143 -6.08 26.93 -25.64
N THR B 144 -7.20 26.26 -25.94
CA THR B 144 -8.55 26.85 -25.68
C THR B 144 -8.86 26.86 -24.17
N ARG B 145 -8.55 25.79 -23.43
CA ARG B 145 -8.64 25.73 -21.94
C ARG B 145 -7.76 26.82 -21.27
N PHE B 146 -6.53 27.02 -21.71
CA PHE B 146 -5.62 28.07 -21.22
C PHE B 146 -6.27 29.45 -21.33
N GLU B 147 -6.88 29.75 -22.47
CA GLU B 147 -7.51 31.08 -22.74
C GLU B 147 -8.74 31.23 -21.85
N ASP B 148 -9.53 30.17 -21.72
CA ASP B 148 -10.80 30.16 -20.94
C ASP B 148 -10.49 30.44 -19.47
N LEU B 149 -9.45 29.80 -18.90
CA LEU B 149 -9.07 29.99 -17.48
C LEU B 149 -8.46 31.39 -17.26
N MET B 150 -7.44 31.75 -18.04
CA MET B 150 -6.65 32.99 -17.79
C MET B 150 -7.54 34.21 -17.96
N GLU B 151 -8.49 34.20 -18.91
CA GLU B 151 -9.35 35.40 -19.15
C GLU B 151 -10.30 35.55 -17.96
N ASN B 152 -10.50 34.51 -17.13
CA ASN B 152 -11.59 34.54 -16.10
C ASN B 152 -11.01 34.37 -14.67
N LEU B 153 -9.70 34.50 -14.48
CA LEU B 153 -9.07 34.49 -13.11
C LEU B 153 -9.53 35.71 -12.33
N PRO B 154 -10.05 35.55 -11.08
CA PRO B 154 -10.30 36.70 -10.22
C PRO B 154 -9.01 37.42 -9.78
N LEU B 155 -9.15 38.65 -9.27
CA LEU B 155 -8.05 39.58 -8.92
C LEU B 155 -6.97 39.56 -10.01
N PRO B 156 -7.40 39.89 -11.24
CA PRO B 156 -6.51 39.81 -12.42
C PRO B 156 -5.24 40.69 -12.42
N GLU B 157 -5.27 41.86 -11.75
CA GLU B 157 -4.10 42.76 -11.48
C GLU B 157 -3.04 41.98 -10.67
N TYR B 158 -3.43 40.99 -9.86
CA TYR B 158 -2.52 40.14 -9.07
C TYR B 158 -2.13 38.86 -9.83
N THR B 159 -3.07 38.27 -10.57
CA THR B 159 -2.99 36.86 -11.08
C THR B 159 -2.59 36.73 -12.57
N LYS B 160 -2.94 37.65 -13.46
CA LYS B 160 -2.50 37.55 -14.90
C LYS B 160 -1.04 37.97 -15.05
N ARG B 161 -0.37 37.43 -16.08
N ARG B 161 -0.39 37.44 -16.09
CA ARG B 161 1.08 37.67 -16.34
CA ARG B 161 1.06 37.64 -16.40
C ARG B 161 1.37 39.17 -16.43
C ARG B 161 1.38 39.14 -16.49
N ASP B 162 0.49 39.93 -17.09
CA ASP B 162 0.73 41.38 -17.34
C ASP B 162 -0.13 42.22 -16.39
N GLY B 163 -0.66 41.62 -15.32
CA GLY B 163 -1.27 42.32 -14.18
C GLY B 163 -0.41 43.48 -13.64
N ARG B 164 -1.06 44.59 -13.30
CA ARG B 164 -0.38 45.81 -12.79
C ARG B 164 0.47 45.43 -11.57
N LEU B 165 -0.06 44.59 -10.67
CA LEU B 165 0.57 44.23 -9.38
C LEU B 165 1.18 42.83 -9.41
N ASN B 166 1.33 42.15 -10.54
CA ASN B 166 2.07 40.85 -10.56
C ASN B 166 3.52 41.18 -10.93
N LEU B 167 4.48 40.81 -10.08
CA LEU B 167 5.93 41.11 -10.28
C LEU B 167 6.69 39.93 -10.93
N ALA B 168 6.01 38.81 -11.20
CA ALA B 168 6.65 37.54 -11.61
C ALA B 168 7.46 37.77 -12.89
N SER B 169 6.96 38.55 -13.86
CA SER B 169 7.69 38.69 -15.15
C SER B 169 8.81 39.73 -15.07
N ARG B 170 8.85 40.62 -14.05
CA ARG B 170 9.83 41.71 -13.96
C ARG B 170 11.04 41.31 -13.11
N LEU B 171 10.88 40.40 -12.15
CA LEU B 171 11.90 40.14 -11.10
C LEU B 171 12.95 39.11 -11.54
N PRO B 172 14.21 39.29 -11.11
CA PRO B 172 15.24 38.28 -11.32
C PRO B 172 14.93 36.92 -10.66
N SER B 173 15.74 35.93 -11.03
CA SER B 173 15.58 34.50 -10.67
C SER B 173 15.74 34.28 -9.16
N TYR B 174 16.31 35.25 -8.43
CA TYR B 174 16.52 35.06 -6.98
C TYR B 174 15.24 35.41 -6.21
N PHE B 175 14.18 35.86 -6.91
CA PHE B 175 12.83 36.05 -6.31
C PHE B 175 11.87 34.96 -6.79
N VAL B 176 12.01 34.44 -8.01
CA VAL B 176 10.92 33.69 -8.69
C VAL B 176 11.43 32.90 -9.88
N ARG B 177 10.90 31.66 -10.07
CA ARG B 177 11.18 30.79 -11.23
C ARG B 177 10.70 31.52 -12.49
N PRO B 178 11.42 31.43 -13.64
CA PRO B 178 11.00 32.12 -14.86
C PRO B 178 9.82 31.46 -15.61
N ASP B 179 9.09 32.29 -16.38
CA ASP B 179 7.98 31.88 -17.28
C ASP B 179 7.03 30.91 -16.54
N LEU B 180 6.21 31.45 -15.63
CA LEU B 180 5.12 30.73 -14.93
C LEU B 180 3.96 30.50 -15.91
N GLY B 181 3.44 29.28 -15.96
CA GLY B 181 2.16 28.95 -16.61
C GLY B 181 1.38 28.05 -15.67
N PRO B 182 0.10 27.80 -15.99
CA PRO B 182 -0.78 27.04 -15.11
C PRO B 182 -0.51 25.53 -15.11
N LYS B 183 -1.00 24.89 -14.06
CA LYS B 183 -0.82 23.46 -13.71
C LYS B 183 -2.18 22.89 -13.32
N MET B 184 -2.42 21.66 -13.75
CA MET B 184 -3.71 20.95 -13.63
C MET B 184 -3.55 19.88 -12.56
N TYR B 185 -4.40 19.80 -11.54
CA TYR B 185 -4.36 18.78 -10.47
C TYR B 185 -5.61 17.90 -10.54
N ASN B 186 -5.43 16.65 -10.96
CA ASN B 186 -6.51 15.68 -11.29
C ASN B 186 -6.42 14.47 -10.34
N ALA B 187 -7.43 14.20 -9.51
CA ALA B 187 -7.35 13.02 -8.64
C ALA B 187 -8.74 12.61 -8.15
N TYR B 188 -8.86 11.32 -7.81
CA TYR B 188 -10.13 10.72 -7.31
C TYR B 188 -10.37 11.22 -5.88
N GLY B 189 -11.61 11.04 -5.42
CA GLY B 189 -12.02 11.27 -4.02
C GLY B 189 -11.56 10.17 -3.09
N LEU B 190 -11.09 10.53 -1.91
CA LEU B 190 -10.85 9.58 -0.80
C LEU B 190 -12.21 9.11 -0.23
N ILE B 191 -12.30 7.85 0.22
CA ILE B 191 -13.56 7.02 0.27
C ILE B 191 -13.89 6.50 1.67
N THR B 192 -12.93 5.83 2.34
CA THR B 192 -13.14 5.02 3.57
C THR B 192 -12.79 5.82 4.83
N ALA B 193 -13.12 5.26 6.00
CA ALA B 193 -12.79 5.81 7.33
C ALA B 193 -11.28 5.84 7.52
N GLU B 194 -10.57 4.82 7.03
CA GLU B 194 -9.08 4.80 7.07
C GLU B 194 -8.51 5.89 6.15
N ASP B 195 -9.23 6.26 5.07
CA ASP B 195 -8.82 7.30 4.09
C ASP B 195 -8.78 8.69 4.76
N ARG B 196 -9.60 8.92 5.79
CA ARG B 196 -9.70 10.23 6.49
C ARG B 196 -8.33 10.75 6.93
N ARG B 197 -7.38 9.88 7.26
CA ARG B 197 -6.01 10.22 7.73
C ARG B 197 -5.08 10.39 6.52
N VAL B 198 -5.58 10.29 5.29
CA VAL B 198 -4.74 10.33 4.05
C VAL B 198 -4.98 11.67 3.36
N GLY B 199 -3.93 12.22 2.76
CA GLY B 199 -4.02 13.41 1.87
C GLY B 199 -3.97 13.07 0.37
N THR B 200 -4.71 13.80 -0.46
CA THR B 200 -4.48 13.91 -1.91
C THR B 200 -3.13 14.61 -2.15
N THR B 201 -2.88 15.73 -1.48
CA THR B 201 -1.56 16.46 -1.52
C THR B 201 -1.10 16.62 -0.06
N ASN B 202 0.08 16.12 0.27
CA ASN B 202 0.59 16.16 1.67
C ASN B 202 0.98 17.58 2.03
N LEU B 203 1.02 17.86 3.33
CA LEU B 203 1.50 19.14 3.92
C LEU B 203 2.82 19.55 3.24
N HIS B 204 2.84 20.75 2.64
CA HIS B 204 4.02 21.36 1.98
C HIS B 204 3.86 22.89 1.96
N LEU B 205 4.90 23.61 1.52
CA LEU B 205 4.74 25.03 1.13
C LEU B 205 5.28 25.24 -0.29
N ASP B 206 4.90 26.36 -0.89
CA ASP B 206 5.35 26.86 -2.22
C ASP B 206 6.10 28.19 -2.05
N VAL B 207 7.10 28.42 -2.91
CA VAL B 207 8.01 29.60 -2.82
C VAL B 207 7.34 30.83 -3.46
N SER B 208 6.19 30.71 -4.14
CA SER B 208 5.49 31.88 -4.71
C SER B 208 4.04 31.91 -4.21
N ASP B 209 3.36 33.05 -4.36
CA ASP B 209 1.87 33.14 -4.21
C ASP B 209 1.21 32.20 -5.24
N ALA B 210 0.01 31.71 -4.95
CA ALA B 210 -0.80 30.91 -5.91
C ALA B 210 -2.27 31.21 -5.76
N VAL B 211 -3.00 30.91 -6.82
CA VAL B 211 -4.47 30.83 -6.83
C VAL B 211 -4.84 29.46 -7.42
N ASN B 212 -5.73 28.72 -6.77
CA ASN B 212 -6.17 27.37 -7.18
C ASN B 212 -7.68 27.38 -7.43
N VAL B 213 -8.13 27.04 -8.64
CA VAL B 213 -9.58 27.07 -9.07
C VAL B 213 -10.13 25.65 -9.26
N MET B 214 -11.21 25.31 -8.57
CA MET B 214 -11.95 24.05 -8.75
C MET B 214 -12.84 24.19 -10.00
N VAL B 215 -12.51 23.51 -11.10
CA VAL B 215 -13.24 23.66 -12.40
C VAL B 215 -14.21 22.48 -12.60
N TYR B 216 -14.10 21.39 -11.84
CA TYR B 216 -15.08 20.28 -11.98
C TYR B 216 -15.06 19.40 -10.74
N VAL B 217 -16.24 18.93 -10.32
CA VAL B 217 -16.39 17.98 -9.19
C VAL B 217 -17.30 16.83 -9.66
N GLY B 218 -16.79 15.59 -9.57
CA GLY B 218 -17.47 14.35 -9.98
C GLY B 218 -18.04 13.60 -8.79
N ILE B 219 -19.35 13.51 -8.68
CA ILE B 219 -20.00 12.78 -7.56
C ILE B 219 -20.57 11.46 -8.09
N PRO B 220 -19.91 10.29 -7.84
CA PRO B 220 -20.49 8.98 -8.18
C PRO B 220 -21.81 8.69 -7.42
N ILE B 221 -22.66 7.78 -7.93
CA ILE B 221 -23.89 7.26 -7.21
C ILE B 221 -23.64 5.86 -6.63
N ALA B 225 -24.79 6.89 -3.41
CA ALA B 225 -24.59 8.03 -2.48
C ALA B 225 -23.82 7.55 -1.23
N HIS B 226 -22.59 8.06 -1.06
CA HIS B 226 -21.72 7.84 0.13
C HIS B 226 -21.39 9.23 0.70
N ASP B 227 -22.33 10.16 0.52
CA ASP B 227 -22.47 11.42 1.29
C ASP B 227 -22.13 11.20 2.77
N GLU B 228 -22.31 9.99 3.29
CA GLU B 228 -22.18 9.63 4.74
C GLU B 228 -20.82 10.04 5.30
N GLU B 229 -19.77 9.35 4.87
CA GLU B 229 -18.37 9.49 5.35
C GLU B 229 -17.84 10.90 5.02
N VAL B 230 -18.35 11.50 3.93
CA VAL B 230 -18.00 12.89 3.50
C VAL B 230 -18.46 13.91 4.56
N LEU B 231 -19.74 13.88 4.96
CA LEU B 231 -20.30 14.79 6.01
C LEU B 231 -19.58 14.57 7.35
N LYS B 232 -19.18 13.34 7.66
CA LYS B 232 -18.40 13.07 8.87
C LYS B 232 -16.98 13.63 8.67
N THR B 233 -16.40 13.55 7.46
CA THR B 233 -14.98 13.97 7.23
C THR B 233 -14.86 15.49 7.35
N ILE B 234 -15.88 16.20 6.85
CA ILE B 234 -16.04 17.67 6.95
C ILE B 234 -15.99 18.05 8.44
N ASP B 235 -16.80 17.37 9.26
CA ASP B 235 -17.02 17.67 10.70
C ASP B 235 -15.73 17.45 11.50
N GLU B 236 -15.15 16.25 11.39
CA GLU B 236 -13.85 15.87 12.03
C GLU B 236 -12.74 16.81 11.52
N GLY B 237 -12.86 17.28 10.26
CA GLY B 237 -11.94 18.22 9.61
C GLY B 237 -11.99 19.61 10.22
N ASP B 238 -13.09 19.93 10.93
CA ASP B 238 -13.28 21.13 11.79
C ASP B 238 -13.77 22.32 10.95
N ALA B 239 -14.58 22.06 9.91
CA ALA B 239 -15.22 23.14 9.10
C ALA B 239 -16.30 23.86 9.93
N ASP B 240 -16.60 25.12 9.60
CA ASP B 240 -17.58 25.97 10.34
C ASP B 240 -19.00 25.60 9.91
N GLU B 241 -20.01 26.10 10.64
CA GLU B 241 -21.44 25.78 10.40
C GLU B 241 -21.91 26.37 9.07
N VAL B 242 -21.25 27.42 8.57
CA VAL B 242 -21.59 28.08 7.28
C VAL B 242 -21.26 27.13 6.13
N THR B 243 -20.10 26.48 6.20
CA THR B 243 -19.61 25.46 5.24
C THR B 243 -20.66 24.36 5.08
N LYS B 244 -21.36 24.02 6.17
CA LYS B 244 -22.38 22.94 6.22
C LYS B 244 -23.69 23.43 5.59
N GLU B 245 -23.98 24.74 5.69
CA GLU B 245 -25.18 25.36 5.07
C GLU B 245 -25.08 25.33 3.54
N ARG B 246 -23.85 25.30 3.00
CA ARG B 246 -23.58 25.33 1.53
C ARG B 246 -23.94 23.99 0.89
N ILE B 247 -23.72 22.88 1.60
CA ILE B 247 -23.97 21.50 1.09
C ILE B 247 -25.48 21.20 1.23
N HIS B 248 -26.11 21.67 2.31
CA HIS B 248 -27.50 21.29 2.71
C HIS B 248 -28.54 22.28 2.13
N ASP B 249 -28.41 23.58 2.42
CA ASP B 249 -29.41 24.62 2.06
C ASP B 249 -29.28 24.95 0.56
N HIS B 250 -28.06 25.01 0.02
CA HIS B 250 -27.79 24.83 -1.43
C HIS B 250 -27.51 23.34 -1.66
N LYS B 251 -27.48 22.88 -2.91
CA LYS B 251 -26.80 21.62 -3.28
C LYS B 251 -25.61 22.01 -4.17
N GLU B 252 -24.67 22.76 -3.58
CA GLU B 252 -23.34 23.03 -4.16
C GLU B 252 -22.49 21.77 -3.97
N LYS B 253 -21.63 21.45 -4.94
CA LYS B 253 -20.79 20.24 -4.91
C LYS B 253 -19.48 20.54 -4.17
N PRO B 254 -19.28 19.97 -2.96
CA PRO B 254 -18.00 20.10 -2.26
C PRO B 254 -16.92 19.23 -2.94
N GLY B 255 -15.74 19.79 -3.17
CA GLY B 255 -14.63 19.10 -3.85
C GLY B 255 -13.57 18.62 -2.86
N ALA B 256 -13.01 19.53 -2.09
CA ALA B 256 -11.78 19.22 -1.32
C ALA B 256 -11.75 19.98 0.00
N LEU B 257 -11.17 19.35 1.01
CA LEU B 257 -10.95 19.93 2.34
C LEU B 257 -9.47 20.28 2.42
N TRP B 258 -9.19 21.58 2.56
CA TRP B 258 -7.83 22.15 2.77
C TRP B 258 -7.64 22.42 4.25
N HIS B 259 -6.41 22.28 4.74
CA HIS B 259 -5.95 22.96 5.97
C HIS B 259 -4.77 23.87 5.61
N ILE B 260 -4.86 25.18 5.89
CA ILE B 260 -3.80 26.16 5.53
C ILE B 260 -3.27 26.81 6.81
N TYR B 261 -1.96 26.93 6.94
CA TYR B 261 -1.31 27.59 8.11
C TYR B 261 -0.59 28.86 7.64
N ALA B 262 -0.54 29.89 8.51
CA ALA B 262 0.25 31.13 8.30
C ALA B 262 1.74 30.80 8.07
N ALA B 263 2.35 31.53 7.13
CA ALA B 263 3.78 31.33 6.82
C ALA B 263 4.64 31.50 8.08
N LYS B 264 4.23 32.35 9.01
CA LYS B 264 5.02 32.61 10.25
C LYS B 264 4.97 31.41 11.22
N ASP B 265 4.08 30.43 11.04
CA ASP B 265 3.89 29.27 11.96
C ASP B 265 4.60 28.03 11.42
N ALA B 266 5.38 28.16 10.35
CA ALA B 266 5.98 27.00 9.65
C ALA B 266 6.96 26.30 10.61
N GLU B 267 7.77 27.06 11.36
CA GLU B 267 8.92 26.49 12.13
C GLU B 267 8.37 25.72 13.34
N LYS B 268 7.30 26.22 13.97
CA LYS B 268 6.61 25.49 15.05
C LYS B 268 6.07 24.18 14.49
N ILE B 269 5.52 24.20 13.27
CA ILE B 269 5.02 22.96 12.61
C ILE B 269 6.21 22.01 12.44
N ARG B 270 7.37 22.54 12.06
CA ARG B 270 8.61 21.73 11.86
C ARG B 270 9.05 21.10 13.20
N GLU B 271 8.95 21.83 14.31
CA GLU B 271 9.30 21.29 15.65
C GLU B 271 8.37 20.09 15.93
N LEU B 272 7.05 20.27 15.86
CA LEU B 272 6.09 19.18 16.19
C LEU B 272 6.46 17.91 15.43
N LEU B 273 6.55 17.96 14.11
CA LEU B 273 6.83 16.78 13.26
C LEU B 273 8.30 16.29 13.36
N ARG B 274 9.24 17.09 13.89
CA ARG B 274 10.57 16.52 14.27
C ARG B 274 10.35 15.58 15.48
N LYS B 275 9.63 16.05 16.50
CA LYS B 275 9.29 15.28 17.72
C LYS B 275 8.54 14.00 17.33
N VAL B 276 7.42 14.10 16.63
CA VAL B 276 6.51 12.95 16.34
C VAL B 276 7.27 11.88 15.53
N GLY B 277 8.10 12.29 14.58
CA GLY B 277 8.91 11.34 13.79
C GLY B 277 9.90 10.58 14.66
N GLU B 278 10.44 11.25 15.70
CA GLU B 278 11.40 10.68 16.68
C GLU B 278 10.66 9.61 17.49
N GLU B 279 9.37 9.85 17.77
CA GLU B 279 8.45 8.96 18.52
C GLU B 279 8.01 7.78 17.66
N GLN B 280 8.07 7.92 16.35
CA GLN B 280 7.63 6.85 15.43
C GLN B 280 8.85 6.08 14.90
N GLY B 281 10.04 6.34 15.45
CA GLY B 281 11.25 5.57 15.12
C GLY B 281 12.20 6.29 14.20
N GLN B 282 11.70 7.12 13.29
CA GLN B 282 12.53 7.84 12.28
C GLN B 282 13.82 8.34 12.96
N GLU B 283 14.96 8.16 12.30
CA GLU B 283 16.26 8.76 12.70
C GLU B 283 16.56 9.90 11.73
N ASN B 284 16.45 11.15 12.19
CA ASN B 284 16.59 12.36 11.36
C ASN B 284 17.61 13.27 12.04
N PRO B 285 18.48 13.99 11.29
CA PRO B 285 19.25 15.11 11.87
C PRO B 285 18.32 16.17 12.47
N PRO B 286 18.81 17.06 13.38
CA PRO B 286 17.96 18.14 13.91
C PRO B 286 17.75 19.27 12.88
N ASP B 287 18.51 19.23 11.78
CA ASP B 287 18.48 20.09 10.55
C ASP B 287 17.20 19.85 9.74
N HIS B 288 16.68 18.64 9.85
CA HIS B 288 15.76 17.98 8.90
C HIS B 288 14.45 18.76 8.75
N ASP B 289 13.91 18.83 7.53
CA ASP B 289 12.73 19.68 7.24
C ASP B 289 11.56 18.79 6.85
N PRO B 290 10.65 18.48 7.79
CA PRO B 290 9.47 17.66 7.49
C PRO B 290 8.49 18.28 6.48
N ILE B 291 8.41 19.62 6.42
CA ILE B 291 7.57 20.34 5.41
C ILE B 291 8.21 20.12 4.05
N HIS B 292 9.53 20.36 3.93
CA HIS B 292 10.29 20.13 2.68
C HIS B 292 10.10 18.67 2.26
N ASP B 293 9.93 17.74 3.20
CA ASP B 293 9.85 16.29 2.86
C ASP B 293 8.53 15.92 2.18
N GLN B 294 7.47 16.72 2.35
CA GLN B 294 6.11 16.44 1.79
C GLN B 294 5.67 15.00 2.13
N SER B 295 6.01 14.52 3.32
CA SER B 295 5.76 13.13 3.75
C SER B 295 4.63 13.05 4.78
N TRP B 296 4.06 14.17 5.26
CA TRP B 296 3.06 14.22 6.37
C TRP B 296 1.67 14.66 5.91
N TYR B 297 0.62 14.13 6.54
CA TYR B 297 -0.74 14.73 6.50
C TYR B 297 -1.23 14.87 7.95
N LEU B 298 -1.62 16.09 8.37
CA LEU B 298 -2.05 16.36 9.76
C LEU B 298 -3.50 15.92 9.90
N ASP B 299 -3.68 14.74 10.50
CA ASP B 299 -4.97 14.10 10.88
C ASP B 299 -5.52 14.81 12.10
N GLN B 300 -6.71 14.44 12.57
CA GLN B 300 -7.35 15.14 13.72
C GLN B 300 -6.41 15.17 14.92
N THR B 301 -5.78 14.04 15.24
CA THR B 301 -4.85 13.86 16.40
C THR B 301 -3.75 14.93 16.28
N LEU B 302 -3.04 14.94 15.16
CA LEU B 302 -1.84 15.80 14.98
C LEU B 302 -2.24 17.28 15.00
N ARG B 303 -3.39 17.64 14.43
CA ARG B 303 -3.90 19.05 14.37
C ARG B 303 -4.17 19.54 15.79
N LYS B 304 -4.86 18.72 16.59
CA LYS B 304 -5.29 19.06 17.98
C LYS B 304 -4.03 19.28 18.81
N ARG B 305 -3.08 18.36 18.71
CA ARG B 305 -1.76 18.40 19.39
C ARG B 305 -0.97 19.66 18.95
N LEU B 306 -1.10 20.07 17.69
CA LEU B 306 -0.44 21.31 17.16
C LEU B 306 -1.02 22.52 17.89
N TYR B 307 -2.33 22.58 18.09
CA TYR B 307 -3.00 23.69 18.80
C TYR B 307 -2.57 23.77 20.27
N GLU B 308 -2.73 22.65 20.98
N GLU B 308 -2.69 22.66 20.99
CA GLU B 308 -2.45 22.48 22.43
CA GLU B 308 -2.45 22.61 22.46
C GLU B 308 -0.98 22.83 22.71
C GLU B 308 -0.96 22.83 22.75
N GLU B 309 -0.07 22.05 22.11
CA GLU B 309 1.39 22.14 22.41
C GLU B 309 2.02 23.43 21.88
N TYR B 310 1.51 24.07 20.83
CA TYR B 310 2.22 25.21 20.18
C TYR B 310 1.35 26.42 19.91
N GLY B 311 0.02 26.33 20.13
CA GLY B 311 -0.94 27.45 19.89
C GLY B 311 -1.25 27.70 18.42
N VAL B 312 -0.94 26.77 17.52
CA VAL B 312 -1.10 27.03 16.05
C VAL B 312 -2.45 26.47 15.63
N GLN B 313 -3.32 27.31 15.06
CA GLN B 313 -4.75 27.02 14.80
C GLN B 313 -5.00 26.58 13.33
N GLY B 314 -4.56 27.34 12.32
CA GLY B 314 -4.80 27.02 10.89
C GLY B 314 -6.23 27.29 10.40
N TRP B 315 -6.47 27.29 9.09
CA TRP B 315 -7.78 27.51 8.42
C TRP B 315 -8.27 26.18 7.80
N ALA B 316 -9.47 25.72 8.16
CA ALA B 316 -10.12 24.55 7.52
C ALA B 316 -11.11 25.05 6.46
N ILE B 317 -10.82 24.82 5.18
CA ILE B 317 -11.59 25.37 4.02
C ILE B 317 -12.13 24.20 3.17
N VAL B 318 -13.42 24.21 2.87
CA VAL B 318 -14.03 23.33 1.84
C VAL B 318 -14.12 24.13 0.55
N GLN B 319 -13.37 23.70 -0.48
CA GLN B 319 -13.42 24.27 -1.86
C GLN B 319 -14.51 23.53 -2.65
N PHE B 320 -15.61 24.23 -2.97
CA PHE B 320 -16.70 23.75 -3.83
C PHE B 320 -16.39 24.05 -5.30
N LEU B 321 -17.18 23.48 -6.19
CA LEU B 321 -17.14 23.82 -7.63
C LEU B 321 -17.13 25.35 -7.80
N GLY B 322 -16.15 25.85 -8.57
CA GLY B 322 -15.94 27.26 -8.95
C GLY B 322 -15.27 28.11 -7.87
N ASP B 323 -14.91 27.53 -6.71
CA ASP B 323 -14.14 28.26 -5.66
C ASP B 323 -12.66 28.37 -6.07
N ALA B 324 -12.16 29.59 -5.99
CA ALA B 324 -10.74 29.96 -6.16
C ALA B 324 -10.13 30.23 -4.79
N VAL B 325 -9.11 29.45 -4.38
CA VAL B 325 -8.40 29.62 -3.08
C VAL B 325 -7.07 30.31 -3.34
N PHE B 326 -6.80 31.42 -2.65
CA PHE B 326 -5.55 32.20 -2.67
C PHE B 326 -4.65 31.76 -1.53
N ILE B 327 -3.42 31.39 -1.83
CA ILE B 327 -2.47 30.81 -0.83
C ILE B 327 -1.22 31.67 -0.80
N PRO B 328 -0.94 32.37 0.32
CA PRO B 328 0.28 33.16 0.45
C PRO B 328 1.55 32.32 0.32
N ALA B 329 2.56 32.87 -0.32
CA ALA B 329 3.92 32.27 -0.39
C ALA B 329 4.35 31.84 1.03
N GLY B 330 4.82 30.58 1.16
CA GLY B 330 5.35 30.01 2.40
C GLY B 330 4.28 29.63 3.42
N ALA B 331 2.99 29.72 3.10
CA ALA B 331 1.92 29.18 4.00
C ALA B 331 1.86 27.67 3.79
N PRO B 332 2.21 26.84 4.80
CA PRO B 332 2.06 25.38 4.69
C PRO B 332 0.60 24.94 4.53
N HIS B 333 0.36 23.99 3.62
CA HIS B 333 -1.01 23.52 3.34
C HIS B 333 -1.03 22.06 2.87
N GLN B 334 -2.20 21.46 3.00
CA GLN B 334 -2.47 20.04 2.69
C GLN B 334 -3.88 20.02 2.09
N VAL B 335 -4.20 19.01 1.28
CA VAL B 335 -5.47 18.90 0.53
C VAL B 335 -5.98 17.45 0.58
N HIS B 336 -7.27 17.28 0.89
CA HIS B 336 -7.97 15.96 0.96
C HIS B 336 -9.22 15.99 0.09
N ASN B 337 -9.19 15.35 -1.10
CA ASN B 337 -10.35 15.30 -2.04
C ASN B 337 -11.50 14.48 -1.42
N LEU B 338 -12.68 15.09 -1.35
CA LEU B 338 -13.90 14.46 -0.80
C LEU B 338 -14.60 13.70 -1.90
N TYR B 339 -14.60 14.31 -3.09
CA TYR B 339 -15.04 13.70 -4.36
C TYR B 339 -13.93 13.85 -5.41
N SER B 340 -14.17 13.36 -6.63
CA SER B 340 -13.19 13.50 -7.75
C SER B 340 -13.20 14.98 -8.21
N CYS B 341 -12.02 15.57 -8.33
CA CYS B 341 -11.79 17.02 -8.58
C CYS B 341 -10.86 17.21 -9.76
N ILE B 342 -11.18 18.20 -10.59
CA ILE B 342 -10.22 18.85 -11.52
C ILE B 342 -9.95 20.26 -10.99
N LYS B 343 -8.69 20.56 -10.68
CA LYS B 343 -8.24 21.88 -10.18
C LYS B 343 -7.20 22.44 -11.15
N VAL B 344 -7.19 23.78 -11.36
CA VAL B 344 -6.14 24.51 -12.11
C VAL B 344 -5.61 25.66 -11.24
N ALA B 345 -4.28 25.74 -11.13
CA ALA B 345 -3.52 26.64 -10.21
C ALA B 345 -2.55 27.48 -11.06
N GLU B 346 -2.42 28.79 -10.74
CA GLU B 346 -1.43 29.70 -11.40
C GLU B 346 -0.60 30.32 -10.27
N ASP B 347 0.73 30.34 -10.41
CA ASP B 347 1.66 31.03 -9.46
C ASP B 347 1.75 32.51 -9.84
N PHE B 348 2.04 33.39 -8.88
CA PHE B 348 2.22 34.85 -9.09
C PHE B 348 3.05 35.43 -7.93
N VAL B 349 3.51 36.69 -8.07
CA VAL B 349 4.35 37.38 -7.03
C VAL B 349 3.74 38.74 -6.72
N SER B 350 3.06 38.84 -5.60
CA SER B 350 2.48 40.11 -5.07
C SER B 350 3.55 40.95 -4.39
N PRO B 351 3.49 42.30 -4.47
CA PRO B 351 4.36 43.19 -3.70
C PRO B 351 4.34 42.94 -2.19
N GLU B 352 3.18 42.61 -1.67
CA GLU B 352 2.96 42.34 -0.24
C GLU B 352 3.91 41.24 0.20
N HIS B 353 4.21 40.23 -0.66
CA HIS B 353 4.94 39.02 -0.23
C HIS B 353 6.34 38.91 -0.86
N VAL B 354 6.83 39.92 -1.55
CA VAL B 354 8.08 39.79 -2.34
C VAL B 354 9.29 39.49 -1.43
N LYS B 355 9.33 40.05 -0.24
CA LYS B 355 10.42 39.73 0.76
C LYS B 355 10.42 38.21 1.07
N HIS B 356 9.24 37.64 1.39
CA HIS B 356 9.07 36.18 1.65
C HIS B 356 9.56 35.38 0.44
N CYS B 357 9.13 35.73 -0.78
CA CYS B 357 9.51 35.05 -2.04
C CYS B 357 11.04 34.99 -2.17
N PHE B 358 11.77 36.05 -1.82
CA PHE B 358 13.26 36.07 -1.84
C PHE B 358 13.84 35.04 -0.85
N ARG B 359 13.32 35.03 0.36
CA ARG B 359 13.83 34.16 1.44
C ARG B 359 13.50 32.70 1.14
N LEU B 360 12.26 32.42 0.69
CA LEU B 360 11.82 31.03 0.40
C LEU B 360 12.65 30.49 -0.76
N THR B 361 12.93 31.31 -1.77
CA THR B 361 13.73 30.88 -2.97
C THR B 361 15.15 30.48 -2.48
N GLN B 362 15.73 31.29 -1.60
CA GLN B 362 17.09 31.10 -0.99
C GLN B 362 17.10 29.74 -0.24
N GLU B 363 16.10 29.48 0.60
CA GLU B 363 16.02 28.25 1.43
C GLU B 363 15.79 27.04 0.50
N PHE B 364 15.01 27.14 -0.59
CA PHE B 364 14.76 26.03 -1.51
C PHE B 364 16.11 25.60 -2.09
N ARG B 365 16.88 26.54 -2.65
CA ARG B 365 18.25 26.31 -3.21
C ARG B 365 19.18 25.69 -2.16
N HIS B 366 19.18 26.14 -0.90
CA HIS B 366 20.00 25.51 0.18
C HIS B 366 19.60 24.03 0.37
N LEU B 367 18.31 23.73 0.59
CA LEU B 367 17.76 22.38 0.82
C LEU B 367 18.00 21.50 -0.42
N SER B 368 18.20 22.08 -1.59
CA SER B 368 18.47 21.31 -2.83
C SER B 368 19.78 20.54 -2.71
N ASN B 369 20.90 21.23 -2.42
CA ASN B 369 22.28 20.66 -2.37
C ASN B 369 22.83 20.76 -0.94
#